data_5EY2
#
_entry.id   5EY2
#
_cell.length_a   132.066
_cell.length_b   132.066
_cell.length_c   223.082
_cell.angle_alpha   90.00
_cell.angle_beta   90.00
_cell.angle_gamma   120.00
#
_symmetry.space_group_name_H-M   'P 61'
#
loop_
_entity.id
_entity.type
_entity.pdbx_description
1 polymer 'GTP-sensing transcriptional pleiotropic repressor CodY'
2 water water
#
_entity_poly.entity_id   1
_entity_poly.type   'polypeptide(L)'
_entity_poly.pdbx_seq_one_letter_code
;HHHHHHSSGLVPRGSH(MSE)(MSE)ELLAKTRKLNALLQSAAGKPVNFRE(MSE)SDT(MSE)CEVIEANVFVVSRRGK
LLGYAIHQQIENER(MSE)KQ(MSE)LAERQFPEEYTQSLFNITETSSNLDVNSAYTAFPVENRELFGQGLTTIVPIVGG
GERLGTLVLARLGQEFLDDDLILAEYSSTVVG(MSE)EILREKAEEIEEEARSKAVVQ(MSE)AISSLSYSELEAIEHIF
EELNGTEGLLVASKIADRVGITRSVIVNALRKLESAGVIESRSLG(MSE)KGTYIKVLNDKFLQELAKLKTN
;
_entity_poly.pdbx_strand_id   A,B,D,C
#
# COMPACT_ATOMS: atom_id res chain seq x y z
N MSE A 18 33.21 -16.70 -35.52
CA MSE A 18 32.68 -16.30 -36.81
C MSE A 18 31.91 -14.99 -36.73
O MSE A 18 32.11 -14.20 -35.80
CB MSE A 18 31.77 -17.39 -37.39
CG MSE A 18 32.51 -18.61 -37.92
SE MSE A 18 31.28 -19.89 -38.73
CE MSE A 18 32.60 -21.15 -39.45
N GLU A 19 31.02 -14.78 -37.70
CA GLU A 19 30.10 -13.66 -37.64
C GLU A 19 28.88 -14.02 -36.80
N LEU A 20 29.14 -14.66 -35.66
CA LEU A 20 28.11 -14.91 -34.66
C LEU A 20 27.73 -13.58 -34.02
N LEU A 21 28.67 -12.64 -34.07
CA LEU A 21 28.48 -11.29 -33.56
C LEU A 21 27.24 -10.63 -34.16
N ALA A 22 26.96 -10.93 -35.42
CA ALA A 22 25.77 -10.41 -36.10
C ALA A 22 24.49 -10.90 -35.43
N LYS A 23 24.41 -12.21 -35.21
CA LYS A 23 23.21 -12.83 -34.67
C LYS A 23 22.99 -12.50 -33.19
N THR A 24 24.03 -12.03 -32.53
CA THR A 24 23.93 -11.64 -31.13
C THR A 24 23.47 -10.20 -30.98
N ARG A 25 23.92 -9.34 -31.90
CA ARG A 25 23.52 -7.94 -31.89
C ARG A 25 22.02 -7.80 -32.06
N LYS A 26 21.44 -8.64 -32.92
CA LYS A 26 20.00 -8.64 -33.14
C LYS A 26 19.26 -9.13 -31.90
N LEU A 27 19.73 -10.23 -31.32
CA LEU A 27 19.14 -10.77 -30.10
C LEU A 27 19.26 -9.76 -28.96
N ASN A 28 20.37 -9.04 -28.93
CA ASN A 28 20.57 -7.99 -27.93
C ASN A 28 19.67 -6.79 -28.20
N ALA A 29 19.52 -6.44 -29.48
CA ALA A 29 18.73 -5.27 -29.87
C ALA A 29 17.27 -5.40 -29.47
N LEU A 30 16.76 -6.63 -29.49
CA LEU A 30 15.40 -6.89 -29.02
C LEU A 30 15.32 -6.66 -27.53
N LEU A 31 16.27 -7.23 -26.80
CA LEU A 31 16.31 -7.13 -25.35
C LEU A 31 16.59 -5.70 -24.90
N GLN A 32 17.23 -4.92 -25.76
CA GLN A 32 17.65 -3.57 -25.41
C GLN A 32 16.57 -2.53 -25.67
N SER A 33 15.33 -2.99 -25.77
CA SER A 33 14.16 -2.12 -25.76
C SER A 33 13.08 -2.77 -24.93
N ALA A 34 12.94 -4.08 -25.10
CA ALA A 34 12.00 -4.88 -24.31
C ALA A 34 12.38 -4.87 -22.83
N ALA A 35 13.61 -4.45 -22.54
CA ALA A 35 14.07 -4.26 -21.17
C ALA A 35 13.13 -3.31 -20.44
N GLY A 36 12.99 -3.51 -19.14
CA GLY A 36 11.94 -2.84 -18.39
C GLY A 36 10.69 -3.69 -18.51
N LYS A 37 9.52 -3.06 -18.42
CA LYS A 37 8.28 -3.80 -18.50
C LYS A 37 7.65 -3.70 -19.90
N PRO A 38 6.86 -4.72 -20.28
CA PRO A 38 6.66 -5.98 -19.58
C PRO A 38 7.28 -7.18 -20.30
N VAL A 39 6.98 -8.38 -19.82
CA VAL A 39 7.58 -9.60 -20.36
C VAL A 39 6.75 -10.21 -21.50
N ASN A 40 7.33 -10.27 -22.68
CA ASN A 40 6.66 -10.84 -23.85
C ASN A 40 7.41 -12.04 -24.40
N PHE A 41 6.99 -13.23 -24.00
CA PHE A 41 7.66 -14.47 -24.40
C PHE A 41 7.45 -14.79 -25.88
N ARG A 42 6.36 -14.28 -26.45
CA ARG A 42 6.05 -14.55 -27.85
C ARG A 42 7.03 -13.86 -28.80
N GLU A 43 7.21 -12.55 -28.60
CA GLU A 43 8.13 -11.78 -29.44
C GLU A 43 9.58 -12.15 -29.14
N MSE A 44 9.82 -12.63 -27.92
CA MSE A 44 11.16 -13.04 -27.51
C MSE A 44 11.54 -14.36 -28.18
O MSE A 44 12.66 -14.52 -28.67
CB MSE A 44 11.26 -13.14 -25.99
CG MSE A 44 12.68 -13.07 -25.46
SE MSE A 44 12.76 -12.89 -23.52
CE MSE A 44 11.90 -14.57 -23.03
N SER A 45 10.61 -15.31 -28.17
CA SER A 45 10.83 -16.61 -28.79
C SER A 45 10.98 -16.48 -30.31
N ASP A 46 10.35 -15.44 -30.87
CA ASP A 46 10.40 -15.18 -32.30
C ASP A 46 11.82 -14.83 -32.75
N THR A 47 12.51 -14.04 -31.95
CA THR A 47 13.86 -13.59 -32.27
C THR A 47 14.87 -14.74 -32.14
N MSE A 48 14.71 -15.54 -31.08
CA MSE A 48 15.53 -16.73 -30.89
C MSE A 48 15.38 -17.65 -32.09
O MSE A 48 16.35 -18.14 -32.65
CB MSE A 48 15.16 -17.46 -29.61
CG MSE A 48 15.15 -16.59 -28.37
SE MSE A 48 14.61 -17.60 -26.79
CE MSE A 48 14.55 -16.11 -25.54
N CYS A 49 14.12 -17.89 -32.46
CA CYS A 49 13.78 -18.70 -33.63
C CYS A 49 14.50 -18.24 -34.88
N GLU A 50 14.76 -16.94 -34.97
CA GLU A 50 15.43 -16.36 -36.13
C GLU A 50 16.95 -16.52 -36.03
N VAL A 51 17.53 -16.19 -34.88
CA VAL A 51 18.98 -16.18 -34.73
C VAL A 51 19.55 -17.55 -34.40
N ILE A 52 18.76 -18.42 -33.78
CA ILE A 52 19.19 -19.79 -33.55
C ILE A 52 18.92 -20.61 -34.82
N GLU A 53 18.01 -20.09 -35.63
CA GLU A 53 17.59 -20.73 -36.88
C GLU A 53 17.00 -22.11 -36.62
N ALA A 54 16.16 -22.20 -35.58
CA ALA A 54 15.49 -23.44 -35.22
C ALA A 54 14.22 -23.14 -34.44
N ASN A 55 13.38 -24.15 -34.28
CA ASN A 55 12.15 -24.01 -33.51
C ASN A 55 12.43 -23.69 -32.04
N VAL A 56 11.53 -22.93 -31.42
CA VAL A 56 11.71 -22.53 -30.03
C VAL A 56 10.48 -22.87 -29.19
N PHE A 57 10.71 -23.49 -28.04
CA PHE A 57 9.63 -23.83 -27.13
C PHE A 57 10.01 -23.55 -25.68
N VAL A 58 9.71 -22.34 -25.22
CA VAL A 58 9.96 -21.97 -23.83
C VAL A 58 8.89 -22.60 -22.94
N VAL A 59 9.30 -23.62 -22.18
CA VAL A 59 8.35 -24.44 -21.43
C VAL A 59 8.41 -24.19 -19.93
N SER A 60 7.24 -24.02 -19.32
CA SER A 60 7.14 -23.86 -17.88
C SER A 60 7.52 -25.14 -17.15
N ARG A 61 7.66 -25.07 -15.83
CA ARG A 61 7.94 -26.24 -15.01
C ARG A 61 6.83 -27.26 -15.15
N ARG A 62 5.60 -26.77 -15.24
CA ARG A 62 4.42 -27.62 -15.33
C ARG A 62 4.19 -28.14 -16.75
N GLY A 63 4.96 -27.60 -17.70
CA GLY A 63 4.85 -28.02 -19.08
C GLY A 63 4.13 -27.03 -19.96
N LYS A 64 3.66 -25.95 -19.35
CA LYS A 64 2.95 -24.89 -20.07
C LYS A 64 3.90 -24.15 -21.01
N LEU A 65 3.39 -23.75 -22.17
CA LEU A 65 4.18 -22.95 -23.09
C LEU A 65 4.00 -21.46 -22.79
N LEU A 66 5.05 -20.84 -22.29
CA LEU A 66 5.03 -19.42 -22.00
C LEU A 66 5.18 -18.63 -23.29
N GLY A 67 5.89 -19.22 -24.25
CA GLY A 67 6.09 -18.61 -25.54
C GLY A 67 6.73 -19.61 -26.49
N TYR A 68 6.62 -19.34 -27.80
CA TYR A 68 7.16 -20.23 -28.81
C TYR A 68 7.26 -19.55 -30.16
N ALA A 69 7.95 -20.20 -31.09
CA ALA A 69 8.08 -19.71 -32.46
C ALA A 69 8.57 -20.82 -33.37
N ILE A 70 7.95 -20.95 -34.54
CA ILE A 70 8.27 -22.02 -35.46
C ILE A 70 9.08 -21.52 -36.66
N HIS A 71 10.25 -22.11 -36.86
CA HIS A 71 11.12 -21.75 -37.97
C HIS A 71 10.87 -22.68 -39.15
N GLN A 72 10.79 -23.97 -38.85
CA GLN A 72 10.45 -24.99 -39.84
C GLN A 72 9.27 -25.81 -39.33
N GLN A 73 8.18 -25.79 -40.09
CA GLN A 73 6.95 -26.44 -39.64
C GLN A 73 6.74 -27.78 -40.33
N ILE A 74 6.74 -28.84 -39.53
CA ILE A 74 6.48 -30.19 -40.03
C ILE A 74 5.00 -30.52 -39.84
N GLU A 75 4.37 -31.02 -40.89
CA GLU A 75 2.94 -31.28 -40.85
C GLU A 75 2.61 -32.58 -40.13
N ASN A 76 2.18 -32.45 -38.88
CA ASN A 76 1.85 -33.60 -38.05
C ASN A 76 0.77 -33.25 -37.03
N GLU A 77 -0.33 -33.97 -37.07
CA GLU A 77 -1.47 -33.68 -36.21
C GLU A 77 -1.17 -33.89 -34.72
N ARG A 78 -0.21 -34.76 -34.42
CA ARG A 78 0.16 -35.01 -33.03
C ARG A 78 0.89 -33.80 -32.44
N MSE A 79 1.81 -33.22 -33.23
CA MSE A 79 2.63 -32.11 -32.76
C MSE A 79 1.87 -30.79 -32.67
O MSE A 79 1.81 -30.18 -31.60
CB MSE A 79 3.83 -31.92 -33.68
CG MSE A 79 4.76 -33.09 -33.72
SE MSE A 79 6.17 -32.78 -35.02
CE MSE A 79 7.06 -34.48 -34.81
N LYS A 80 1.33 -30.36 -33.80
CA LYS A 80 0.63 -29.07 -33.88
C LYS A 80 -0.48 -28.97 -32.84
N GLN A 81 -1.01 -30.13 -32.46
CA GLN A 81 -2.02 -30.19 -31.40
C GLN A 81 -1.40 -29.84 -30.05
N MSE A 82 -0.27 -30.46 -29.74
CA MSE A 82 0.47 -30.16 -28.51
C MSE A 82 0.72 -28.66 -28.37
O MSE A 82 0.75 -28.10 -27.27
CB MSE A 82 1.82 -30.90 -28.48
CG MSE A 82 1.71 -32.41 -28.44
SE MSE A 82 3.46 -33.24 -28.67
CE MSE A 82 4.52 -32.04 -27.56
N LEU A 83 0.90 -28.01 -29.52
CA LEU A 83 1.13 -26.58 -29.59
C LEU A 83 -0.17 -25.79 -29.39
N ALA A 84 -1.30 -26.45 -29.61
CA ALA A 84 -2.60 -25.79 -29.57
C ALA A 84 -3.09 -25.56 -28.14
N GLU A 85 -2.88 -26.54 -27.26
CA GLU A 85 -3.21 -26.35 -25.85
C GLU A 85 -2.15 -25.49 -25.20
N ARG A 86 -1.03 -25.33 -25.90
CA ARG A 86 0.16 -24.67 -25.37
C ARG A 86 0.56 -25.40 -24.09
N GLN A 87 0.58 -26.73 -24.20
CA GLN A 87 0.89 -27.62 -23.10
C GLN A 87 1.54 -28.90 -23.64
N PHE A 88 2.62 -29.32 -23.01
CA PHE A 88 3.29 -30.56 -23.38
C PHE A 88 2.78 -31.71 -22.50
N PRO A 89 2.78 -32.94 -23.04
CA PRO A 89 2.31 -34.12 -22.31
C PRO A 89 2.98 -34.27 -20.95
N GLU A 90 2.18 -34.52 -19.91
CA GLU A 90 2.66 -34.58 -18.52
C GLU A 90 3.89 -35.46 -18.34
N GLU A 91 3.93 -36.59 -19.05
CA GLU A 91 5.06 -37.50 -18.98
C GLU A 91 6.33 -36.85 -19.52
N TYR A 92 6.21 -36.18 -20.66
CA TYR A 92 7.36 -35.53 -21.30
C TYR A 92 7.84 -34.32 -20.50
N THR A 93 6.94 -33.73 -19.72
CA THR A 93 7.27 -32.55 -18.93
C THR A 93 8.20 -32.88 -17.78
N GLN A 94 7.85 -33.90 -17.01
CA GLN A 94 8.66 -34.32 -15.86
C GLN A 94 9.98 -34.94 -16.31
N SER A 95 10.05 -35.33 -17.58
CA SER A 95 11.27 -35.90 -18.13
C SER A 95 12.35 -34.82 -18.29
N LEU A 96 11.91 -33.58 -18.46
CA LEU A 96 12.83 -32.46 -18.62
C LEU A 96 13.61 -32.17 -17.33
N PHE A 97 13.02 -32.56 -16.20
CA PHE A 97 13.67 -32.38 -14.90
C PHE A 97 14.94 -33.21 -14.79
N ASN A 98 14.97 -34.34 -15.48
CA ASN A 98 16.16 -35.19 -15.50
C ASN A 98 17.31 -34.49 -16.19
N ILE A 99 16.99 -33.61 -17.12
CA ILE A 99 17.99 -32.82 -17.82
C ILE A 99 18.44 -31.65 -16.94
N THR A 100 19.62 -31.80 -16.34
CA THR A 100 20.16 -30.78 -15.44
C THR A 100 21.12 -29.84 -16.20
N GLU A 101 21.92 -30.42 -17.08
CA GLU A 101 22.86 -29.66 -17.90
C GLU A 101 22.36 -29.59 -19.34
N THR A 102 23.00 -28.74 -20.15
CA THR A 102 22.66 -28.62 -21.56
C THR A 102 22.81 -29.96 -22.27
N SER A 103 21.74 -30.42 -22.91
CA SER A 103 21.76 -31.67 -23.65
C SER A 103 21.58 -31.40 -25.14
N SER A 104 22.67 -31.36 -25.87
CA SER A 104 22.65 -30.91 -27.26
C SER A 104 22.55 -32.04 -28.28
N ASN A 105 21.85 -31.77 -29.38
CA ASN A 105 21.71 -32.69 -30.50
C ASN A 105 21.19 -34.07 -30.10
N LEU A 106 19.97 -34.11 -29.56
CA LEU A 106 19.36 -35.36 -29.17
C LEU A 106 18.69 -36.03 -30.35
N ASP A 107 18.72 -37.36 -30.37
CA ASP A 107 18.26 -38.14 -31.52
C ASP A 107 16.75 -38.33 -31.52
N VAL A 108 16.20 -38.65 -32.68
CA VAL A 108 14.77 -38.91 -32.81
C VAL A 108 14.37 -40.14 -32.00
N ASN A 109 15.36 -40.99 -31.70
CA ASN A 109 15.17 -42.13 -30.83
C ASN A 109 15.59 -41.81 -29.40
N SER A 110 15.33 -40.59 -28.96
CA SER A 110 15.57 -40.20 -27.58
C SER A 110 14.24 -40.01 -26.85
N ALA A 111 14.29 -40.04 -25.52
CA ALA A 111 13.09 -39.84 -24.72
C ALA A 111 12.83 -38.35 -24.51
N TYR A 112 13.53 -37.52 -25.27
CA TYR A 112 13.48 -36.08 -25.09
C TYR A 112 13.29 -35.34 -26.41
N THR A 113 13.28 -36.09 -27.50
CA THR A 113 13.21 -35.50 -28.84
C THR A 113 11.95 -34.68 -29.04
N ALA A 114 12.06 -33.66 -29.88
CA ALA A 114 10.91 -32.85 -30.26
C ALA A 114 10.38 -33.33 -31.60
N PHE A 115 10.50 -34.63 -31.85
CA PHE A 115 10.04 -35.21 -33.10
C PHE A 115 9.31 -36.55 -32.93
N PRO A 116 8.13 -36.53 -32.28
CA PRO A 116 7.28 -37.73 -32.33
C PRO A 116 6.48 -37.76 -33.62
N VAL A 117 7.11 -38.22 -34.71
CA VAL A 117 6.59 -37.97 -36.05
C VAL A 117 5.44 -38.86 -36.61
N GLU A 118 5.35 -40.17 -36.33
CA GLU A 118 6.30 -40.98 -35.57
C GLU A 118 7.04 -41.91 -36.52
N ASN A 119 6.94 -41.63 -37.82
CA ASN A 119 7.74 -42.31 -38.83
C ASN A 119 9.12 -41.64 -38.90
N ARG A 120 10.03 -42.09 -38.03
CA ARG A 120 11.27 -41.39 -37.78
C ARG A 120 12.36 -41.65 -38.81
N GLU A 121 12.13 -42.63 -39.69
CA GLU A 121 13.05 -42.91 -40.77
C GLU A 121 13.10 -41.72 -41.73
N LEU A 122 11.94 -41.09 -41.91
CA LEU A 122 11.84 -39.89 -42.72
C LEU A 122 12.61 -38.73 -42.10
N PHE A 123 12.81 -38.80 -40.78
CA PHE A 123 13.44 -37.73 -40.04
C PHE A 123 14.80 -38.14 -39.52
N GLY A 124 15.79 -38.15 -40.40
CA GLY A 124 17.16 -38.46 -40.01
C GLY A 124 17.83 -37.26 -39.38
N GLN A 125 17.50 -36.08 -39.89
CA GLN A 125 18.10 -34.84 -39.40
C GLN A 125 17.19 -34.14 -38.38
N GLY A 126 16.31 -34.90 -37.74
CA GLY A 126 15.43 -34.34 -36.73
C GLY A 126 16.14 -34.22 -35.39
N LEU A 127 16.58 -33.02 -35.06
CA LEU A 127 17.39 -32.81 -33.87
C LEU A 127 16.64 -32.11 -32.74
N THR A 128 17.17 -32.25 -31.53
CA THR A 128 16.54 -31.67 -30.35
C THR A 128 17.60 -31.19 -29.35
N THR A 129 17.47 -29.94 -28.92
CA THR A 129 18.37 -29.40 -27.90
C THR A 129 17.57 -28.92 -26.70
N ILE A 130 17.96 -29.38 -25.51
CA ILE A 130 17.25 -29.04 -24.29
C ILE A 130 18.15 -28.29 -23.32
N VAL A 131 17.94 -26.98 -23.22
CA VAL A 131 18.68 -26.16 -22.29
C VAL A 131 17.79 -25.77 -21.10
N PRO A 132 18.15 -26.24 -19.90
CA PRO A 132 17.42 -25.90 -18.68
C PRO A 132 17.43 -24.39 -18.43
N ILE A 133 16.34 -23.88 -17.86
CA ILE A 133 16.23 -22.45 -17.59
C ILE A 133 16.22 -22.18 -16.10
N VAL A 134 17.35 -21.68 -15.58
CA VAL A 134 17.52 -21.49 -14.14
C VAL A 134 17.55 -20.02 -13.76
N GLY A 135 16.95 -19.70 -12.62
CA GLY A 135 17.04 -18.36 -12.05
C GLY A 135 17.99 -18.41 -10.87
N GLY A 136 19.02 -19.24 -10.99
CA GLY A 136 19.99 -19.43 -9.93
C GLY A 136 19.46 -20.31 -8.82
N GLY A 137 18.50 -19.79 -8.06
CA GLY A 137 17.94 -20.50 -6.94
C GLY A 137 17.17 -21.74 -7.34
N GLU A 138 16.44 -21.66 -8.45
CA GLU A 138 15.58 -22.76 -8.87
C GLU A 138 15.51 -22.93 -10.39
N ARG A 139 15.21 -24.15 -10.82
CA ARG A 139 14.88 -24.43 -12.20
C ARG A 139 13.52 -23.83 -12.51
N LEU A 140 13.48 -22.82 -13.38
CA LEU A 140 12.27 -22.06 -13.63
C LEU A 140 11.50 -22.57 -14.84
N GLY A 141 12.20 -23.22 -15.76
CA GLY A 141 11.58 -23.73 -16.96
C GLY A 141 12.55 -24.52 -17.81
N THR A 142 12.16 -24.79 -19.05
CA THR A 142 12.99 -25.56 -19.95
C THR A 142 12.91 -25.04 -21.37
N LEU A 143 14.05 -24.63 -21.91
CA LEU A 143 14.12 -24.17 -23.29
C LEU A 143 14.33 -25.37 -24.22
N VAL A 144 13.37 -25.62 -25.09
CA VAL A 144 13.44 -26.76 -26.00
C VAL A 144 13.63 -26.30 -27.45
N LEU A 145 14.62 -26.88 -28.11
CA LEU A 145 14.91 -26.54 -29.50
C LEU A 145 14.71 -27.74 -30.42
N ALA A 146 14.48 -27.46 -31.70
CA ALA A 146 14.30 -28.50 -32.71
C ALA A 146 14.64 -27.97 -34.10
N ARG A 147 15.31 -28.79 -34.90
CA ARG A 147 15.78 -28.36 -36.21
C ARG A 147 15.95 -29.55 -37.16
N LEU A 148 15.78 -29.31 -38.46
CA LEU A 148 15.86 -30.38 -39.46
C LEU A 148 16.94 -30.09 -40.50
N GLY A 149 17.65 -28.97 -40.35
CA GLY A 149 18.62 -28.56 -41.33
C GLY A 149 20.08 -28.73 -40.95
N GLN A 150 20.45 -28.21 -39.79
CA GLN A 150 21.85 -28.15 -39.37
C GLN A 150 22.06 -28.79 -38.01
N GLU A 151 23.29 -29.21 -37.73
CA GLU A 151 23.66 -29.71 -36.41
C GLU A 151 23.81 -28.55 -35.43
N PHE A 152 23.57 -28.82 -34.15
CA PHE A 152 23.74 -27.80 -33.11
C PHE A 152 25.20 -27.70 -32.69
N LEU A 153 25.87 -26.66 -33.16
CA LEU A 153 27.28 -26.45 -32.86
C LEU A 153 27.45 -25.61 -31.60
N ASP A 154 28.71 -25.26 -31.29
CA ASP A 154 29.00 -24.34 -30.20
C ASP A 154 28.45 -22.97 -30.54
N ASP A 155 28.30 -22.70 -31.84
CA ASP A 155 27.72 -21.45 -32.31
C ASP A 155 26.27 -21.31 -31.86
N ASP A 156 25.49 -22.37 -32.07
CA ASP A 156 24.07 -22.36 -31.76
C ASP A 156 23.81 -22.46 -30.25
N LEU A 157 24.79 -22.96 -29.51
CA LEU A 157 24.64 -23.13 -28.07
C LEU A 157 24.90 -21.82 -27.32
N ILE A 158 25.76 -20.98 -27.89
CA ILE A 158 26.02 -19.67 -27.31
C ILE A 158 24.75 -18.84 -27.29
N LEU A 159 24.03 -18.85 -28.41
CA LEU A 159 22.77 -18.11 -28.53
C LEU A 159 21.67 -18.75 -27.70
N ALA A 160 21.67 -20.08 -27.62
CA ALA A 160 20.66 -20.80 -26.86
C ALA A 160 20.81 -20.55 -25.37
N GLU A 161 22.04 -20.58 -24.89
CA GLU A 161 22.30 -20.40 -23.45
C GLU A 161 22.19 -18.93 -23.05
N TYR A 162 22.59 -18.03 -23.94
CA TYR A 162 22.41 -16.60 -23.72
C TYR A 162 20.94 -16.29 -23.49
N SER A 163 20.09 -16.87 -24.34
CA SER A 163 18.65 -16.67 -24.25
C SER A 163 18.08 -17.31 -22.99
N SER A 164 18.48 -18.55 -22.73
CA SER A 164 18.01 -19.30 -21.56
C SER A 164 18.26 -18.54 -20.25
N THR A 165 19.37 -17.82 -20.21
CA THR A 165 19.72 -17.02 -19.04
C THR A 165 18.79 -15.83 -18.91
N VAL A 166 18.47 -15.20 -20.04
CA VAL A 166 17.60 -14.03 -20.05
C VAL A 166 16.16 -14.43 -19.75
N VAL A 167 15.73 -15.58 -20.27
CA VAL A 167 14.40 -16.10 -19.98
C VAL A 167 14.23 -16.32 -18.48
N GLY A 168 15.25 -16.92 -17.86
CA GLY A 168 15.24 -17.18 -16.44
C GLY A 168 15.03 -15.93 -15.61
N MSE A 169 15.66 -14.84 -16.03
CA MSE A 169 15.49 -13.56 -15.34
C MSE A 169 14.08 -13.02 -15.51
O MSE A 169 13.51 -12.45 -14.58
CB MSE A 169 16.51 -12.54 -15.87
CG MSE A 169 17.96 -12.97 -15.71
SE MSE A 169 19.21 -11.58 -16.28
CE MSE A 169 19.98 -12.47 -17.82
N GLU A 170 13.51 -13.22 -16.70
CA GLU A 170 12.19 -12.69 -17.01
C GLU A 170 11.07 -13.54 -16.41
N ILE A 171 11.37 -14.80 -16.10
CA ILE A 171 10.41 -15.66 -15.42
C ILE A 171 10.40 -15.33 -13.93
N LEU A 172 11.59 -15.05 -13.38
CA LEU A 172 11.70 -14.69 -11.98
C LEU A 172 11.12 -13.30 -11.75
N ARG A 173 11.14 -12.47 -12.79
CA ARG A 173 10.56 -11.14 -12.69
C ARG A 173 9.04 -11.21 -12.72
N GLU A 174 8.49 -12.02 -13.62
CA GLU A 174 7.05 -12.19 -13.73
C GLU A 174 6.48 -12.80 -12.45
N LYS A 175 7.25 -13.68 -11.82
CA LYS A 175 6.83 -14.33 -10.58
C LYS A 175 6.99 -13.40 -9.39
N ALA A 176 7.95 -12.49 -9.47
CA ALA A 176 8.16 -11.50 -8.43
C ALA A 176 7.08 -10.41 -8.50
N GLU A 177 6.72 -10.04 -9.72
CA GLU A 177 5.75 -8.98 -9.94
C GLU A 177 4.33 -9.46 -9.64
N GLU A 178 4.13 -10.78 -9.62
CA GLU A 178 2.84 -11.33 -9.25
C GLU A 178 2.65 -11.25 -7.75
N ILE A 179 3.67 -11.68 -7.01
CA ILE A 179 3.65 -11.63 -5.55
C ILE A 179 3.51 -10.19 -5.05
N GLU A 180 4.14 -9.26 -5.77
CA GLU A 180 4.04 -7.85 -5.45
C GLU A 180 2.62 -7.32 -5.62
N GLU A 181 2.00 -7.68 -6.74
CA GLU A 181 0.68 -7.18 -7.08
C GLU A 181 -0.42 -7.96 -6.36
N GLU A 182 -0.16 -9.22 -6.06
CA GLU A 182 -1.09 -10.02 -5.26
C GLU A 182 -1.29 -9.39 -3.89
N ALA A 183 -0.23 -8.76 -3.39
CA ALA A 183 -0.28 -8.11 -2.08
C ALA A 183 -0.76 -6.67 -2.19
N ARG A 184 -0.37 -5.99 -3.27
CA ARG A 184 -0.78 -4.61 -3.49
C ARG A 184 -2.30 -4.52 -3.67
N SER A 185 -2.87 -5.44 -4.44
CA SER A 185 -4.30 -5.46 -4.68
C SER A 185 -5.07 -5.68 -3.39
N LYS A 186 -4.59 -6.60 -2.55
CA LYS A 186 -5.22 -6.86 -1.27
C LYS A 186 -5.12 -5.66 -0.35
N ALA A 187 -4.01 -4.92 -0.47
CA ALA A 187 -3.76 -3.77 0.38
C ALA A 187 -4.76 -2.66 0.14
N VAL A 188 -5.05 -2.36 -1.13
CA VAL A 188 -5.97 -1.28 -1.46
C VAL A 188 -7.40 -1.70 -1.17
N VAL A 189 -7.66 -3.00 -1.19
CA VAL A 189 -8.97 -3.52 -0.81
C VAL A 189 -9.25 -3.23 0.66
N GLN A 190 -8.27 -3.53 1.50
CA GLN A 190 -8.40 -3.33 2.93
C GLN A 190 -8.52 -1.85 3.30
N MSE A 191 -7.80 -1.00 2.59
CA MSE A 191 -7.89 0.44 2.83
C MSE A 191 -9.27 0.96 2.45
O MSE A 191 -9.79 1.89 3.08
CB MSE A 191 -6.82 1.20 2.06
CG MSE A 191 -5.48 1.25 2.76
SE MSE A 191 -4.33 2.60 1.98
CE MSE A 191 -4.29 1.93 0.16
N ALA A 192 -9.86 0.38 1.41
CA ALA A 192 -11.22 0.72 1.02
C ALA A 192 -12.21 0.30 2.12
N ILE A 193 -11.91 -0.83 2.76
CA ILE A 193 -12.73 -1.33 3.87
C ILE A 193 -12.55 -0.45 5.09
N SER A 194 -11.35 0.11 5.25
CA SER A 194 -11.05 1.01 6.36
C SER A 194 -11.96 2.23 6.34
N SER A 195 -12.46 2.56 5.16
CA SER A 195 -13.30 3.73 4.97
C SER A 195 -14.70 3.55 5.55
N LEU A 196 -15.20 2.32 5.48
CA LEU A 196 -16.59 2.02 5.82
C LEU A 196 -16.91 2.23 7.30
N SER A 197 -18.17 2.58 7.56
CA SER A 197 -18.68 2.63 8.92
C SER A 197 -19.18 1.24 9.31
N TYR A 198 -19.88 1.15 10.45
CA TYR A 198 -20.43 -0.14 10.87
C TYR A 198 -21.57 -0.57 9.98
N SER A 199 -22.49 0.35 9.71
CA SER A 199 -23.65 0.06 8.85
C SER A 199 -23.21 -0.16 7.40
N GLU A 200 -22.27 0.65 6.94
CA GLU A 200 -21.80 0.59 5.56
C GLU A 200 -21.15 -0.75 5.25
N LEU A 201 -20.52 -1.36 6.25
CA LEU A 201 -19.93 -2.68 6.08
C LEU A 201 -21.01 -3.75 6.04
N GLU A 202 -21.96 -3.66 6.97
CA GLU A 202 -23.11 -4.56 6.99
C GLU A 202 -23.89 -4.46 5.70
N ALA A 203 -23.90 -3.26 5.11
CA ALA A 203 -24.51 -3.05 3.81
C ALA A 203 -23.77 -3.83 2.74
N ILE A 204 -22.48 -3.55 2.60
CA ILE A 204 -21.63 -4.18 1.58
C ILE A 204 -21.70 -5.71 1.62
N GLU A 205 -21.70 -6.27 2.82
CA GLU A 205 -21.79 -7.73 2.99
C GLU A 205 -23.04 -8.29 2.31
N HIS A 206 -24.20 -7.79 2.71
CA HIS A 206 -25.47 -8.28 2.16
C HIS A 206 -25.68 -7.89 0.70
N ILE A 207 -24.96 -6.88 0.24
CA ILE A 207 -25.03 -6.50 -1.17
C ILE A 207 -24.47 -7.60 -2.06
N PHE A 208 -23.27 -8.06 -1.73
CA PHE A 208 -22.57 -9.05 -2.55
C PHE A 208 -22.98 -10.47 -2.20
N GLU A 209 -23.89 -10.61 -1.23
CA GLU A 209 -24.52 -11.90 -0.97
C GLU A 209 -25.72 -12.05 -1.90
N GLU A 210 -26.38 -10.94 -2.17
CA GLU A 210 -27.52 -10.90 -3.09
C GLU A 210 -27.05 -11.09 -4.53
N LEU A 211 -25.81 -10.71 -4.80
CA LEU A 211 -25.23 -10.88 -6.12
C LEU A 211 -24.68 -12.29 -6.32
N ASN A 212 -24.00 -12.79 -5.29
CA ASN A 212 -23.42 -14.13 -5.29
C ASN A 212 -22.45 -14.33 -6.46
N GLY A 213 -21.61 -13.33 -6.71
CA GLY A 213 -20.65 -13.40 -7.80
C GLY A 213 -19.91 -12.10 -8.02
N THR A 214 -19.49 -11.88 -9.27
CA THR A 214 -18.73 -10.68 -9.62
C THR A 214 -19.61 -9.63 -10.28
N GLU A 215 -20.55 -10.08 -11.12
CA GLU A 215 -21.49 -9.18 -11.77
C GLU A 215 -22.91 -9.45 -11.31
N GLY A 216 -23.79 -8.46 -11.48
CA GLY A 216 -25.18 -8.62 -11.11
C GLY A 216 -25.93 -7.31 -10.94
N LEU A 217 -27.25 -7.40 -10.89
CA LEU A 217 -28.11 -6.23 -10.69
C LEU A 217 -28.51 -6.13 -9.22
N LEU A 218 -28.41 -4.93 -8.66
CA LEU A 218 -28.66 -4.73 -7.24
C LEU A 218 -30.05 -4.14 -6.97
N VAL A 219 -30.87 -4.92 -6.28
CA VAL A 219 -32.17 -4.44 -5.82
C VAL A 219 -32.00 -3.75 -4.47
N ALA A 220 -31.75 -2.44 -4.51
CA ALA A 220 -31.47 -1.66 -3.32
C ALA A 220 -32.67 -1.57 -2.38
N SER A 221 -33.85 -1.88 -2.90
CA SER A 221 -35.07 -1.87 -2.10
C SER A 221 -35.30 -3.24 -1.46
N LYS A 222 -34.62 -4.26 -1.98
CA LYS A 222 -34.69 -5.58 -1.39
C LYS A 222 -33.85 -5.59 -0.12
N ILE A 223 -32.84 -4.73 -0.09
CA ILE A 223 -32.11 -4.42 1.13
C ILE A 223 -32.74 -3.17 1.73
N ALA A 224 -32.11 -2.61 2.76
CA ALA A 224 -32.58 -1.40 3.46
C ALA A 224 -33.92 -1.62 4.19
N ASP A 225 -34.54 -2.77 3.98
CA ASP A 225 -35.69 -3.19 4.76
C ASP A 225 -35.27 -4.35 5.64
N ARG A 226 -34.12 -4.94 5.30
CA ARG A 226 -33.59 -6.10 5.99
C ARG A 226 -33.19 -5.78 7.42
N VAL A 227 -32.63 -4.60 7.64
CA VAL A 227 -32.10 -4.23 8.94
C VAL A 227 -32.49 -2.79 9.29
N GLY A 228 -33.25 -2.14 8.40
CA GLY A 228 -33.74 -0.80 8.64
C GLY A 228 -32.68 0.27 8.46
N ILE A 229 -31.59 -0.10 7.81
CA ILE A 229 -30.52 0.84 7.51
C ILE A 229 -30.79 1.51 6.17
N THR A 230 -30.63 2.82 6.12
CA THR A 230 -30.99 3.63 4.96
C THR A 230 -30.37 3.12 3.65
N ARG A 231 -31.08 3.33 2.54
CA ARG A 231 -30.57 2.99 1.23
C ARG A 231 -29.49 3.99 0.82
N SER A 232 -29.48 5.14 1.49
CA SER A 232 -28.46 6.15 1.25
C SER A 232 -27.15 5.72 1.88
N VAL A 233 -27.24 4.93 2.94
CA VAL A 233 -26.06 4.32 3.54
C VAL A 233 -25.42 3.39 2.53
N ILE A 234 -26.26 2.64 1.82
CA ILE A 234 -25.82 1.74 0.77
C ILE A 234 -25.08 2.50 -0.33
N VAL A 235 -25.43 3.78 -0.50
CA VAL A 235 -24.78 4.61 -1.51
C VAL A 235 -23.36 4.98 -1.12
N ASN A 236 -23.16 5.38 0.13
CA ASN A 236 -21.81 5.64 0.66
C ASN A 236 -20.91 4.45 0.43
N ALA A 237 -21.38 3.30 0.91
CA ALA A 237 -20.64 2.05 0.87
C ALA A 237 -20.18 1.69 -0.54
N LEU A 238 -20.96 2.09 -1.54
CA LEU A 238 -20.62 1.83 -2.92
C LEU A 238 -19.63 2.86 -3.47
N ARG A 239 -19.82 4.12 -3.09
CA ARG A 239 -18.94 5.19 -3.55
C ARG A 239 -17.53 5.03 -2.99
N LYS A 240 -17.43 4.69 -1.71
CA LYS A 240 -16.14 4.53 -1.06
C LYS A 240 -15.32 3.42 -1.71
N LEU A 241 -15.98 2.33 -2.06
CA LEU A 241 -15.33 1.23 -2.78
C LEU A 241 -14.96 1.68 -4.19
N GLU A 242 -15.88 2.37 -4.84
CA GLU A 242 -15.67 2.85 -6.20
C GLU A 242 -14.64 3.96 -6.24
N SER A 243 -14.42 4.61 -5.10
CA SER A 243 -13.43 5.68 -5.01
C SER A 243 -12.02 5.12 -5.09
N ALA A 244 -11.83 3.92 -4.55
CA ALA A 244 -10.52 3.28 -4.57
C ALA A 244 -10.42 2.28 -5.72
N GLY A 245 -11.35 2.36 -6.66
CA GLY A 245 -11.32 1.56 -7.87
C GLY A 245 -11.63 0.09 -7.64
N VAL A 246 -12.21 -0.24 -6.49
CA VAL A 246 -12.58 -1.61 -6.19
C VAL A 246 -13.75 -2.04 -7.07
N ILE A 247 -14.68 -1.13 -7.29
CA ILE A 247 -15.85 -1.41 -8.13
C ILE A 247 -16.14 -0.27 -9.09
N GLU A 248 -17.14 -0.46 -9.95
CA GLU A 248 -17.64 0.60 -10.81
C GLU A 248 -19.10 0.33 -11.15
N SER A 249 -19.99 1.18 -10.65
CA SER A 249 -21.43 0.99 -10.81
C SER A 249 -21.98 1.70 -12.04
N ARG A 250 -23.22 1.37 -12.41
CA ARG A 250 -23.87 2.00 -13.55
C ARG A 250 -25.37 2.15 -13.34
N SER A 251 -25.88 3.35 -13.61
CA SER A 251 -27.31 3.63 -13.52
C SER A 251 -28.13 2.76 -14.46
N LEU A 252 -28.84 1.78 -13.91
CA LEU A 252 -29.62 0.87 -14.73
C LEU A 252 -31.04 0.67 -14.20
N GLY A 253 -31.99 1.37 -14.83
CA GLY A 253 -33.40 1.21 -14.55
C GLY A 253 -33.80 1.30 -13.09
N MSE A 254 -34.92 0.66 -12.75
CA MSE A 254 -35.40 0.61 -11.38
C MSE A 254 -35.92 -0.79 -11.03
O MSE A 254 -35.24 -1.79 -11.25
CB MSE A 254 -36.48 1.66 -11.14
CG MSE A 254 -36.00 3.09 -11.22
SE MSE A 254 -37.34 4.38 -10.65
CE MSE A 254 -37.64 3.72 -8.84
N THR A 257 -29.59 -1.05 -9.92
CA THR A 257 -28.21 -0.59 -10.05
C THR A 257 -27.27 -1.75 -10.39
N TYR A 258 -26.50 -1.58 -11.46
CA TYR A 258 -25.55 -2.59 -11.89
C TYR A 258 -24.14 -2.27 -11.36
N ILE A 259 -23.52 -3.26 -10.73
CA ILE A 259 -22.19 -3.08 -10.16
C ILE A 259 -21.21 -4.15 -10.63
N LYS A 260 -19.97 -3.72 -10.87
CA LYS A 260 -18.94 -4.61 -11.41
C LYS A 260 -17.65 -4.48 -10.60
N VAL A 261 -17.14 -5.61 -10.12
CA VAL A 261 -15.94 -5.63 -9.29
C VAL A 261 -14.67 -5.52 -10.13
N LEU A 262 -13.83 -4.54 -9.81
CA LEU A 262 -12.61 -4.29 -10.56
C LEU A 262 -11.37 -4.87 -9.87
N ASN A 263 -11.58 -5.50 -8.73
CA ASN A 263 -10.47 -6.09 -7.98
C ASN A 263 -10.63 -7.59 -7.78
N ASP A 264 -9.57 -8.33 -8.09
CA ASP A 264 -9.58 -9.78 -7.97
C ASP A 264 -9.81 -10.25 -6.53
N LYS A 265 -9.09 -9.64 -5.61
CA LYS A 265 -9.03 -10.11 -4.23
C LYS A 265 -10.12 -9.52 -3.34
N PHE A 266 -10.95 -8.64 -3.89
CA PHE A 266 -11.98 -7.98 -3.09
C PHE A 266 -12.97 -8.97 -2.48
N LEU A 267 -13.44 -9.92 -3.29
CA LEU A 267 -14.39 -10.91 -2.82
C LEU A 267 -13.79 -11.80 -1.75
N GLN A 268 -12.50 -12.10 -1.88
CA GLN A 268 -11.80 -12.94 -0.92
C GLN A 268 -11.72 -12.28 0.45
N GLU A 269 -11.14 -11.09 0.50
CA GLU A 269 -10.94 -10.38 1.75
C GLU A 269 -12.26 -10.04 2.44
N LEU A 270 -13.31 -9.92 1.64
CA LEU A 270 -14.64 -9.63 2.17
C LEU A 270 -15.20 -10.85 2.89
N ALA A 271 -14.83 -12.04 2.40
CA ALA A 271 -15.33 -13.28 2.96
C ALA A 271 -14.58 -13.69 4.22
N LYS A 272 -14.23 -12.71 5.05
CA LYS A 272 -13.56 -12.97 6.32
C LYS A 272 -14.41 -12.43 7.47
N LEU A 273 -15.61 -12.97 7.63
CA LEU A 273 -16.52 -12.54 8.68
C LEU A 273 -16.20 -13.25 9.99
N MSE B 18 36.42 -25.01 -30.59
CA MSE B 18 36.93 -23.97 -29.72
C MSE B 18 35.77 -23.31 -28.96
O MSE B 18 34.68 -23.13 -29.51
CB MSE B 18 37.71 -22.92 -30.53
CG MSE B 18 38.46 -21.92 -29.69
SE MSE B 18 39.81 -20.97 -30.73
CE MSE B 18 38.66 -20.25 -32.13
N GLU B 19 36.02 -22.95 -27.71
CA GLU B 19 34.93 -22.52 -26.84
C GLU B 19 35.02 -21.07 -26.35
N LEU B 20 34.24 -20.20 -27.00
CA LEU B 20 33.84 -18.96 -26.38
C LEU B 20 32.76 -19.34 -25.37
N LEU B 21 32.09 -20.43 -25.69
CA LEU B 21 31.08 -21.05 -24.83
C LEU B 21 31.55 -21.19 -23.38
N ALA B 22 32.79 -21.61 -23.21
CA ALA B 22 33.37 -21.78 -21.87
C ALA B 22 33.40 -20.44 -21.13
N LYS B 23 33.61 -19.36 -21.88
CA LYS B 23 33.67 -18.03 -21.30
C LYS B 23 32.27 -17.45 -21.11
N THR B 24 31.31 -17.99 -21.85
CA THR B 24 29.92 -17.53 -21.74
C THR B 24 29.21 -18.21 -20.58
N ARG B 25 29.53 -19.48 -20.35
CA ARG B 25 28.93 -20.22 -19.25
C ARG B 25 29.30 -19.58 -17.92
N LYS B 26 30.55 -19.12 -17.81
CA LYS B 26 31.00 -18.39 -16.63
C LYS B 26 30.16 -17.14 -16.41
N LEU B 27 29.92 -16.41 -17.49
CA LEU B 27 29.14 -15.18 -17.43
C LEU B 27 27.67 -15.49 -17.15
N ASN B 28 27.14 -16.50 -17.82
CA ASN B 28 25.76 -16.93 -17.60
C ASN B 28 25.53 -17.44 -16.18
N ALA B 29 26.52 -18.16 -15.64
CA ALA B 29 26.42 -18.75 -14.31
C ALA B 29 26.19 -17.69 -13.24
N LEU B 30 26.87 -16.55 -13.39
CA LEU B 30 26.71 -15.46 -12.45
C LEU B 30 25.33 -14.82 -12.56
N LEU B 31 24.89 -14.59 -13.79
CA LEU B 31 23.66 -13.85 -14.06
C LEU B 31 22.43 -14.52 -13.48
N GLN B 32 22.28 -15.82 -13.71
CA GLN B 32 21.13 -16.54 -13.18
C GLN B 32 21.25 -16.66 -11.66
N SER B 33 22.46 -16.93 -11.18
CA SER B 33 22.69 -17.08 -9.74
C SER B 33 22.78 -15.73 -9.04
N ALA B 34 22.20 -14.72 -9.65
CA ALA B 34 22.13 -13.39 -9.06
C ALA B 34 20.77 -12.75 -9.37
N ALA B 35 19.94 -13.50 -10.10
CA ALA B 35 18.59 -13.05 -10.44
C ALA B 35 17.80 -12.76 -9.17
N GLY B 36 18.16 -13.47 -8.10
CA GLY B 36 17.56 -13.27 -6.80
C GLY B 36 17.94 -11.95 -6.16
N LYS B 37 17.58 -10.86 -6.84
CA LYS B 37 17.52 -9.54 -6.23
C LYS B 37 18.79 -8.98 -5.62
N PRO B 38 19.65 -8.35 -6.43
CA PRO B 38 20.64 -7.62 -5.64
C PRO B 38 20.42 -6.06 -5.74
N VAL B 39 20.79 -5.27 -6.77
CA VAL B 39 21.63 -5.58 -7.91
C VAL B 39 23.08 -5.30 -7.49
N ASN B 40 24.00 -6.14 -7.94
CA ASN B 40 25.40 -6.00 -7.57
C ASN B 40 26.28 -5.86 -8.80
N PHE B 41 26.69 -4.63 -9.08
CA PHE B 41 27.51 -4.34 -10.24
C PHE B 41 28.98 -4.69 -9.99
N ARG B 42 29.33 -4.88 -8.73
CA ARG B 42 30.67 -5.34 -8.39
C ARG B 42 30.88 -6.78 -8.85
N GLU B 43 29.90 -7.63 -8.55
CA GLU B 43 29.96 -9.03 -8.93
C GLU B 43 29.94 -9.19 -10.45
N MSE B 44 29.12 -8.38 -11.11
CA MSE B 44 29.04 -8.40 -12.56
C MSE B 44 30.37 -7.99 -13.18
O MSE B 44 30.92 -8.71 -14.03
CB MSE B 44 27.93 -7.47 -13.06
CG MSE B 44 26.53 -7.91 -12.69
SE MSE B 44 25.16 -7.03 -13.76
CE MSE B 44 25.53 -7.89 -15.47
N SER B 45 30.88 -6.85 -12.76
CA SER B 45 32.14 -6.31 -13.28
C SER B 45 33.29 -7.29 -13.08
N ASP B 46 33.28 -7.99 -11.95
CA ASP B 46 34.32 -8.96 -11.62
C ASP B 46 34.39 -10.08 -12.64
N THR B 47 33.24 -10.57 -13.07
CA THR B 47 33.16 -11.68 -14.01
C THR B 47 33.53 -11.24 -15.42
N MSE B 48 33.01 -10.08 -15.84
CA MSE B 48 33.35 -9.51 -17.14
C MSE B 48 34.86 -9.37 -17.27
O MSE B 48 35.46 -9.86 -18.22
CB MSE B 48 32.70 -8.15 -17.33
CG MSE B 48 31.20 -8.13 -17.11
SE MSE B 48 30.49 -6.32 -17.30
CE MSE B 48 28.76 -6.64 -16.47
N CYS B 49 35.45 -8.71 -16.28
CA CYS B 49 36.90 -8.55 -16.18
C CYS B 49 37.64 -9.88 -16.33
N GLU B 50 36.99 -10.96 -15.90
CA GLU B 50 37.58 -12.28 -15.96
C GLU B 50 37.41 -12.95 -17.33
N VAL B 51 36.20 -12.86 -17.89
CA VAL B 51 35.92 -13.54 -19.16
C VAL B 51 36.27 -12.69 -20.38
N ILE B 52 36.14 -11.37 -20.26
CA ILE B 52 36.53 -10.47 -21.36
C ILE B 52 38.04 -10.30 -21.34
N GLU B 53 38.65 -10.60 -20.20
CA GLU B 53 40.10 -10.49 -20.00
C GLU B 53 40.57 -9.06 -20.20
N ALA B 54 39.83 -8.11 -19.65
CA ALA B 54 40.20 -6.70 -19.72
C ALA B 54 39.54 -5.93 -18.59
N ASN B 55 40.07 -4.74 -18.30
CA ASN B 55 39.50 -3.89 -17.26
C ASN B 55 38.07 -3.50 -17.59
N VAL B 56 37.25 -3.36 -16.56
CA VAL B 56 35.84 -3.04 -16.76
C VAL B 56 35.44 -1.81 -15.94
N PHE B 57 34.79 -0.85 -16.60
CA PHE B 57 34.29 0.34 -15.92
C PHE B 57 32.86 0.64 -16.36
N VAL B 58 31.90 0.21 -15.55
CA VAL B 58 30.49 0.51 -15.82
C VAL B 58 30.16 1.91 -15.34
N VAL B 59 29.92 2.81 -16.29
CA VAL B 59 29.76 4.23 -15.98
C VAL B 59 28.30 4.68 -16.07
N SER B 60 27.84 5.36 -15.02
CA SER B 60 26.50 5.92 -15.03
C SER B 60 26.42 7.12 -15.98
N ARG B 61 25.21 7.58 -16.24
CA ARG B 61 24.97 8.67 -17.18
C ARG B 61 25.76 9.93 -16.84
N ARG B 62 25.99 10.15 -15.55
CA ARG B 62 26.64 11.37 -15.09
C ARG B 62 28.10 11.15 -14.68
N GLY B 63 28.64 9.97 -14.97
CA GLY B 63 30.05 9.70 -14.76
C GLY B 63 30.40 8.80 -13.60
N LYS B 64 29.43 8.54 -12.73
CA LYS B 64 29.67 7.72 -11.55
C LYS B 64 29.91 6.26 -11.92
N LEU B 65 30.88 5.63 -11.26
CA LEU B 65 31.15 4.22 -11.47
C LEU B 65 30.15 3.37 -10.68
N LEU B 66 29.23 2.74 -11.40
CA LEU B 66 28.26 1.84 -10.79
C LEU B 66 28.95 0.55 -10.34
N GLY B 67 30.04 0.22 -11.02
CA GLY B 67 30.81 -0.96 -10.73
C GLY B 67 32.11 -0.98 -11.50
N TYR B 68 33.04 -1.84 -11.10
CA TYR B 68 34.35 -1.91 -11.72
C TYR B 68 35.07 -3.20 -11.36
N ALA B 69 36.13 -3.51 -12.10
CA ALA B 69 37.00 -4.64 -11.80
C ALA B 69 38.26 -4.56 -12.64
N ILE B 70 39.41 -4.55 -11.97
CA ILE B 70 40.70 -4.38 -12.66
C ILE B 70 41.33 -5.72 -13.00
N HIS B 71 41.69 -5.89 -14.27
CA HIS B 71 42.38 -7.08 -14.74
C HIS B 71 43.87 -6.81 -14.84
N GLN B 72 44.21 -5.56 -15.14
CA GLN B 72 45.59 -5.14 -15.31
C GLN B 72 45.84 -3.83 -14.54
N GLN B 73 46.70 -3.90 -13.54
CA GLN B 73 46.98 -2.74 -12.71
C GLN B 73 47.75 -1.66 -13.45
N ILE B 74 47.08 -0.53 -13.68
CA ILE B 74 47.71 0.59 -14.36
C ILE B 74 48.41 1.47 -13.31
N GLU B 75 49.32 2.30 -13.77
CA GLU B 75 50.37 2.84 -12.91
C GLU B 75 50.22 4.31 -12.54
N ASN B 76 49.27 5.00 -13.18
CA ASN B 76 49.12 6.42 -12.95
C ASN B 76 48.17 6.70 -11.78
N GLU B 77 48.51 7.72 -10.99
CA GLU B 77 47.65 8.15 -9.90
C GLU B 77 46.68 9.20 -10.42
N ARG B 78 46.82 9.47 -11.72
CA ARG B 78 45.85 10.27 -12.45
C ARG B 78 44.55 9.49 -12.56
N MSE B 79 44.67 8.18 -12.73
CA MSE B 79 43.52 7.29 -12.84
C MSE B 79 43.19 6.65 -11.50
O MSE B 79 42.03 6.44 -11.16
CB MSE B 79 43.78 6.20 -13.88
CG MSE B 79 44.59 6.67 -15.07
SE MSE B 79 45.48 5.18 -15.95
CE MSE B 79 46.44 6.16 -17.31
N LYS B 80 44.24 6.35 -10.73
CA LYS B 80 44.08 5.72 -9.43
C LYS B 80 43.34 6.62 -8.44
N GLN B 81 43.21 7.90 -8.77
CA GLN B 81 42.47 8.82 -7.91
C GLN B 81 41.05 9.01 -8.40
N MSE B 82 40.85 9.02 -9.71
CA MSE B 82 39.50 9.12 -10.27
C MSE B 82 38.77 7.80 -10.04
O MSE B 82 37.54 7.77 -9.96
CB MSE B 82 39.53 9.48 -11.76
CG MSE B 82 40.02 8.36 -12.67
SE MSE B 82 39.72 8.74 -14.56
CE MSE B 82 40.77 10.36 -14.73
N LEU B 83 39.53 6.72 -9.95
CA LEU B 83 38.97 5.41 -9.61
C LEU B 83 38.69 5.35 -8.11
N ALA B 84 39.54 6.04 -7.35
CA ALA B 84 39.38 6.14 -5.90
C ALA B 84 38.21 7.03 -5.54
N GLU B 85 37.83 7.90 -6.47
CA GLU B 85 36.74 8.84 -6.27
C GLU B 85 35.42 8.26 -6.78
N ARG B 86 35.52 7.15 -7.50
CA ARG B 86 34.36 6.51 -8.14
C ARG B 86 33.62 7.50 -9.04
N GLN B 87 34.37 8.35 -9.72
CA GLN B 87 33.78 9.39 -10.56
C GLN B 87 34.72 9.77 -11.71
N PHE B 88 34.17 9.88 -12.91
CA PHE B 88 34.93 10.26 -14.08
C PHE B 88 34.79 11.76 -14.35
N PRO B 89 35.80 12.37 -15.00
CA PRO B 89 35.80 13.79 -15.33
C PRO B 89 34.56 14.23 -16.11
N GLU B 90 34.19 15.50 -15.97
CA GLU B 90 33.05 16.06 -16.67
C GLU B 90 33.27 16.08 -18.18
N GLU B 91 34.50 16.38 -18.58
CA GLU B 91 34.86 16.44 -19.99
C GLU B 91 34.73 15.07 -20.66
N TYR B 92 35.27 14.05 -20.00
CA TYR B 92 35.30 12.71 -20.56
C TYR B 92 33.92 12.05 -20.56
N THR B 93 33.04 12.51 -19.68
CA THR B 93 31.71 11.93 -19.56
C THR B 93 30.80 12.35 -20.71
N GLN B 94 30.78 13.64 -21.02
CA GLN B 94 29.96 14.14 -22.11
C GLN B 94 30.59 13.82 -23.46
N SER B 95 31.81 13.29 -23.42
CA SER B 95 32.46 12.76 -24.61
C SER B 95 31.84 11.42 -24.95
N LEU B 96 31.40 10.70 -23.93
CA LEU B 96 30.84 9.36 -24.09
C LEU B 96 29.46 9.38 -24.75
N PHE B 97 28.78 10.52 -24.68
CA PHE B 97 27.47 10.65 -25.31
C PHE B 97 27.56 10.60 -26.82
N ASN B 98 28.69 11.05 -27.35
CA ASN B 98 28.91 11.05 -28.80
C ASN B 98 28.99 9.62 -29.35
N ILE B 99 29.46 8.69 -28.52
CA ILE B 99 29.51 7.28 -28.90
C ILE B 99 28.11 6.68 -28.84
N THR B 100 27.55 6.38 -30.02
CA THR B 100 26.19 5.86 -30.11
C THR B 100 26.17 4.36 -30.35
N GLU B 101 27.35 3.80 -30.65
CA GLU B 101 27.46 2.38 -30.96
C GLU B 101 28.89 1.91 -30.67
N THR B 102 29.05 0.60 -30.50
CA THR B 102 30.33 -0.03 -30.15
C THR B 102 31.52 0.51 -30.95
N SER B 103 32.39 1.23 -30.26
CA SER B 103 33.64 1.70 -30.83
C SER B 103 34.79 0.87 -30.27
N SER B 104 35.53 0.20 -31.14
CA SER B 104 36.54 -0.76 -30.70
C SER B 104 37.98 -0.29 -30.94
N ASN B 105 38.82 -0.48 -29.93
CA ASN B 105 40.26 -0.23 -30.03
C ASN B 105 40.61 1.20 -30.40
N LEU B 106 40.33 2.15 -29.51
CA LEU B 106 40.52 3.56 -29.81
C LEU B 106 41.85 4.12 -29.32
N ASP B 107 42.95 3.50 -29.76
CA ASP B 107 44.31 4.00 -29.52
C ASP B 107 44.61 4.30 -28.05
N VAL B 108 45.63 5.12 -27.87
CA VAL B 108 45.86 5.83 -26.62
C VAL B 108 45.82 7.32 -26.97
N ASN B 109 46.10 7.60 -28.24
CA ASN B 109 45.96 8.93 -28.80
C ASN B 109 44.51 9.20 -29.20
N SER B 110 43.75 9.75 -28.26
CA SER B 110 42.33 10.01 -28.47
C SER B 110 41.78 10.90 -27.37
N ALA B 111 40.46 11.01 -27.32
CA ALA B 111 39.79 11.70 -26.22
C ALA B 111 38.85 10.73 -25.54
N TYR B 112 38.92 9.47 -25.97
CA TYR B 112 38.04 8.41 -25.46
C TYR B 112 38.80 7.33 -24.72
N THR B 113 40.12 7.32 -24.87
CA THR B 113 40.93 6.25 -24.31
C THR B 113 40.83 6.19 -22.79
N ALA B 114 40.91 4.97 -22.25
CA ALA B 114 40.85 4.76 -20.81
C ALA B 114 42.23 4.95 -20.20
N PHE B 115 43.20 5.28 -21.06
CA PHE B 115 44.57 5.51 -20.63
C PHE B 115 45.02 6.94 -20.90
N PRO B 116 44.47 7.90 -20.14
CA PRO B 116 45.05 9.24 -20.27
C PRO B 116 46.35 9.29 -19.47
N VAL B 117 47.48 9.42 -20.16
CA VAL B 117 48.77 9.38 -19.48
C VAL B 117 49.65 10.56 -19.88
N GLU B 118 50.75 10.73 -19.15
CA GLU B 118 51.77 11.70 -19.53
C GLU B 118 52.83 11.00 -20.37
N ASN B 119 53.22 9.80 -19.92
CA ASN B 119 54.13 8.95 -20.66
C ASN B 119 53.36 7.99 -21.55
N ARG B 120 53.10 8.39 -22.80
CA ARG B 120 52.27 7.62 -23.70
C ARG B 120 53.06 6.64 -24.56
N GLU B 121 54.39 6.77 -24.53
CA GLU B 121 55.25 5.99 -25.43
C GLU B 121 55.30 4.52 -25.06
N LEU B 122 54.84 4.18 -23.86
CA LEU B 122 54.84 2.80 -23.39
C LEU B 122 53.50 2.12 -23.64
N PHE B 123 52.46 2.92 -23.88
CA PHE B 123 51.11 2.40 -24.04
C PHE B 123 50.65 2.40 -25.49
N GLY B 124 51.54 2.01 -26.40
CA GLY B 124 51.19 1.89 -27.80
C GLY B 124 50.16 0.79 -27.98
N GLN B 125 50.30 -0.28 -27.22
CA GLN B 125 49.38 -1.40 -27.26
C GLN B 125 48.22 -1.22 -26.29
N GLY B 126 48.19 -0.07 -25.62
CA GLY B 126 47.10 0.24 -24.71
C GLY B 126 45.85 0.65 -25.46
N LEU B 127 44.74 -0.04 -25.22
CA LEU B 127 43.53 0.14 -26.01
C LEU B 127 42.28 0.37 -25.17
N THR B 128 41.19 0.72 -25.85
CA THR B 128 39.93 1.04 -25.19
C THR B 128 38.73 0.68 -26.06
N THR B 129 37.67 0.18 -25.44
CA THR B 129 36.42 -0.13 -26.15
C THR B 129 35.23 0.41 -25.37
N ILE B 130 34.35 1.12 -26.06
CA ILE B 130 33.24 1.80 -25.41
C ILE B 130 31.87 1.34 -25.94
N VAL B 131 31.22 0.45 -25.20
CA VAL B 131 29.89 -0.03 -25.56
C VAL B 131 28.83 0.69 -24.74
N PRO B 132 27.93 1.42 -25.42
CA PRO B 132 26.85 2.14 -24.74
C PRO B 132 25.87 1.19 -24.06
N ILE B 133 25.17 1.69 -23.04
CA ILE B 133 24.19 0.88 -22.31
C ILE B 133 22.82 1.54 -22.38
N VAL B 134 21.95 0.98 -23.20
CA VAL B 134 20.64 1.60 -23.47
C VAL B 134 19.48 0.65 -23.16
N GLY B 135 18.40 1.21 -22.63
CA GLY B 135 17.21 0.43 -22.34
C GLY B 135 15.95 1.29 -22.41
N GLY B 136 14.87 0.71 -22.91
CA GLY B 136 13.60 1.41 -23.04
C GLY B 136 13.61 2.49 -24.11
N GLY B 137 14.79 2.76 -24.66
CA GLY B 137 14.97 3.84 -25.62
C GLY B 137 15.89 4.90 -25.03
N GLU B 138 16.06 4.85 -23.71
CA GLU B 138 16.87 5.81 -22.99
C GLU B 138 18.28 5.28 -22.74
N ARG B 139 19.28 6.08 -23.10
CA ARG B 139 20.67 5.71 -22.83
C ARG B 139 20.91 5.68 -21.32
N LEU B 140 21.06 4.48 -20.78
CA LEU B 140 21.17 4.30 -19.34
C LEU B 140 22.57 4.53 -18.81
N GLY B 141 23.54 3.84 -19.40
CA GLY B 141 24.92 3.94 -18.95
C GLY B 141 25.94 3.76 -20.05
N THR B 142 27.19 3.52 -19.67
CA THR B 142 28.27 3.36 -20.62
C THR B 142 29.30 2.36 -20.13
N LEU B 143 29.37 1.21 -20.80
CA LEU B 143 30.39 0.23 -20.50
C LEU B 143 31.72 0.65 -21.13
N VAL B 144 32.79 0.57 -20.35
CA VAL B 144 34.12 0.95 -20.83
C VAL B 144 35.14 -0.15 -20.54
N LEU B 145 35.86 -0.55 -21.57
CA LEU B 145 36.87 -1.60 -21.45
C LEU B 145 38.28 -1.06 -21.67
N ALA B 146 39.24 -1.63 -20.97
CA ALA B 146 40.64 -1.22 -21.11
C ALA B 146 41.56 -2.43 -21.08
N ARG B 147 42.44 -2.51 -22.07
CA ARG B 147 43.37 -3.64 -22.18
C ARG B 147 44.72 -3.19 -22.74
N LEU B 148 45.79 -3.82 -22.27
CA LEU B 148 47.14 -3.53 -22.76
C LEU B 148 47.59 -4.55 -23.80
N GLY B 149 47.08 -5.78 -23.67
CA GLY B 149 47.53 -6.90 -24.47
C GLY B 149 47.41 -6.70 -25.98
N GLN B 150 46.24 -7.03 -26.52
CA GLN B 150 46.01 -6.94 -27.95
C GLN B 150 44.68 -6.24 -28.23
N GLU B 151 44.24 -6.27 -29.48
CA GLU B 151 42.97 -5.64 -29.84
C GLU B 151 41.78 -6.49 -29.44
N PHE B 152 40.67 -5.83 -29.14
CA PHE B 152 39.42 -6.52 -28.84
C PHE B 152 38.86 -7.16 -30.09
N LEU B 153 38.70 -8.48 -30.07
CA LEU B 153 38.22 -9.23 -31.22
C LEU B 153 36.70 -9.38 -31.17
N ASP B 154 36.15 -10.01 -32.20
CA ASP B 154 34.73 -10.34 -32.22
C ASP B 154 34.39 -11.25 -31.05
N ASP B 155 35.39 -12.00 -30.61
CA ASP B 155 35.29 -12.85 -29.42
C ASP B 155 34.88 -12.03 -28.20
N ASP B 156 35.63 -10.95 -27.95
CA ASP B 156 35.41 -10.11 -26.79
C ASP B 156 34.20 -9.19 -26.97
N LEU B 157 33.92 -8.81 -28.21
CA LEU B 157 32.83 -7.89 -28.50
C LEU B 157 31.47 -8.52 -28.19
N ILE B 158 31.37 -9.83 -28.35
CA ILE B 158 30.16 -10.55 -27.96
C ILE B 158 29.97 -10.45 -26.45
N LEU B 159 30.98 -10.87 -25.71
CA LEU B 159 30.94 -10.83 -24.25
C LEU B 159 30.74 -9.42 -23.72
N ALA B 160 31.27 -8.44 -24.43
CA ALA B 160 31.11 -7.03 -24.03
C ALA B 160 29.68 -6.57 -24.24
N GLU B 161 29.16 -6.80 -25.45
CA GLU B 161 27.80 -6.39 -25.79
C GLU B 161 26.76 -7.19 -25.02
N TYR B 162 26.99 -8.49 -24.87
CA TYR B 162 26.07 -9.33 -24.12
C TYR B 162 26.01 -8.90 -22.66
N SER B 163 27.13 -8.43 -22.13
CA SER B 163 27.17 -7.91 -20.77
C SER B 163 26.46 -6.55 -20.71
N SER B 164 26.79 -5.68 -21.64
CA SER B 164 26.23 -4.33 -21.70
C SER B 164 24.71 -4.35 -21.85
N THR B 165 24.20 -5.42 -22.46
CA THR B 165 22.76 -5.59 -22.61
C THR B 165 22.10 -5.92 -21.27
N VAL B 166 22.73 -6.84 -20.53
CA VAL B 166 22.21 -7.27 -19.23
C VAL B 166 22.30 -6.14 -18.21
N VAL B 167 23.41 -5.40 -18.22
CA VAL B 167 23.57 -4.25 -17.34
C VAL B 167 22.44 -3.26 -17.56
N GLY B 168 22.04 -3.10 -18.82
CA GLY B 168 20.95 -2.22 -19.18
C GLY B 168 19.66 -2.56 -18.47
N MSE B 169 19.20 -3.81 -18.62
CA MSE B 169 17.93 -4.23 -18.05
C MSE B 169 18.01 -4.40 -16.53
O MSE B 169 16.99 -4.59 -15.88
CB MSE B 169 17.46 -5.52 -18.71
CG MSE B 169 18.36 -6.71 -18.47
SE MSE B 169 17.68 -8.31 -19.35
CE MSE B 169 17.79 -7.71 -21.19
N GLU B 170 19.21 -4.34 -15.98
CA GLU B 170 19.39 -4.40 -14.54
C GLU B 170 19.31 -3.01 -13.92
N ILE B 171 19.77 -2.01 -14.68
CA ILE B 171 19.61 -0.62 -14.27
C ILE B 171 18.12 -0.26 -14.25
N LEU B 172 17.40 -0.77 -15.25
CA LEU B 172 15.96 -0.53 -15.33
C LEU B 172 15.21 -1.24 -14.20
N ARG B 173 15.71 -2.39 -13.79
CA ARG B 173 15.15 -3.11 -12.64
C ARG B 173 15.26 -2.25 -11.39
N GLU B 174 16.45 -1.70 -11.18
CA GLU B 174 16.74 -0.90 -10.00
C GLU B 174 15.85 0.34 -9.94
N LYS B 175 15.68 1.01 -11.07
CA LYS B 175 14.89 2.23 -11.14
C LYS B 175 13.41 1.95 -10.90
N ALA B 176 12.95 0.77 -11.31
CA ALA B 176 11.57 0.38 -11.13
C ALA B 176 11.32 -0.14 -9.71
N GLU B 177 12.34 -0.76 -9.13
CA GLU B 177 12.24 -1.27 -7.77
C GLU B 177 12.43 -0.15 -6.76
N GLU B 178 13.14 0.91 -7.17
CA GLU B 178 13.33 2.07 -6.31
C GLU B 178 12.03 2.86 -6.22
N ILE B 179 11.35 3.03 -7.36
CA ILE B 179 10.02 3.62 -7.39
C ILE B 179 9.08 2.75 -6.55
N GLU B 180 9.25 1.45 -6.67
CA GLU B 180 8.49 0.48 -5.89
C GLU B 180 8.68 0.71 -4.39
N GLU B 181 9.84 1.20 -4.01
CA GLU B 181 10.17 1.37 -2.59
C GLU B 181 9.97 2.81 -2.12
N GLU B 182 10.39 3.77 -2.95
CA GLU B 182 10.23 5.19 -2.62
C GLU B 182 8.78 5.57 -2.40
N ALA B 183 7.89 4.95 -3.17
CA ALA B 183 6.47 5.23 -3.07
C ALA B 183 5.81 4.40 -1.97
N ARG B 184 6.28 3.17 -1.80
CA ARG B 184 5.78 2.29 -0.75
C ARG B 184 6.09 2.86 0.62
N SER B 185 7.29 3.43 0.76
CA SER B 185 7.71 4.04 2.02
C SER B 185 6.78 5.18 2.42
N LYS B 186 6.35 5.96 1.44
CA LYS B 186 5.42 7.07 1.68
C LYS B 186 4.04 6.53 2.07
N ALA B 187 3.67 5.40 1.49
CA ALA B 187 2.39 4.77 1.80
C ALA B 187 2.33 4.33 3.25
N VAL B 188 3.41 3.75 3.75
CA VAL B 188 3.50 3.32 5.13
C VAL B 188 3.39 4.52 6.08
N VAL B 189 4.05 5.61 5.69
CA VAL B 189 3.98 6.85 6.46
C VAL B 189 2.55 7.37 6.52
N GLN B 190 1.91 7.49 5.36
CA GLN B 190 0.56 8.01 5.27
C GLN B 190 -0.46 7.12 5.97
N MSE B 191 -0.22 5.81 5.94
CA MSE B 191 -1.11 4.86 6.58
C MSE B 191 -1.01 4.99 8.10
O MSE B 191 -1.97 4.71 8.82
CB MSE B 191 -0.77 3.44 6.15
CG MSE B 191 -1.96 2.51 6.08
SE MSE B 191 -1.70 1.21 4.66
CE MSE B 191 -1.05 2.44 3.29
N ALA B 192 0.15 5.40 8.58
CA ALA B 192 0.37 5.60 10.00
C ALA B 192 -0.29 6.90 10.47
N ILE B 193 -0.38 7.87 9.56
CA ILE B 193 -0.98 9.16 9.87
C ILE B 193 -2.50 9.04 9.95
N SER B 194 -3.06 8.09 9.20
CA SER B 194 -4.50 7.84 9.24
C SER B 194 -4.93 7.26 10.58
N SER B 195 -3.95 6.78 11.34
CA SER B 195 -4.21 6.19 12.65
C SER B 195 -4.41 7.26 13.72
N LEU B 196 -3.80 8.41 13.48
CA LEU B 196 -3.80 9.49 14.48
C LEU B 196 -5.17 10.15 14.62
N SER B 197 -5.41 10.73 15.80
CA SER B 197 -6.55 11.61 16.00
C SER B 197 -6.13 13.02 15.62
N TYR B 198 -6.87 14.03 16.09
CA TYR B 198 -6.48 15.41 15.83
C TYR B 198 -5.38 15.84 16.79
N SER B 199 -5.60 15.59 18.08
CA SER B 199 -4.62 15.93 19.10
C SER B 199 -3.34 15.13 18.92
N GLU B 200 -3.49 13.86 18.55
CA GLU B 200 -2.34 12.98 18.32
C GLU B 200 -1.48 13.49 17.16
N LEU B 201 -2.13 14.06 16.15
CA LEU B 201 -1.42 14.60 14.99
C LEU B 201 -0.70 15.88 15.32
N GLU B 202 -1.42 16.84 15.89
CA GLU B 202 -0.85 18.14 16.25
C GLU B 202 0.28 17.99 17.26
N ALA B 203 0.24 16.90 18.01
CA ALA B 203 1.33 16.56 18.92
C ALA B 203 2.58 16.23 18.12
N ILE B 204 2.43 15.34 17.14
CA ILE B 204 3.54 14.92 16.28
C ILE B 204 4.15 16.13 15.55
N GLU B 205 3.29 17.05 15.11
CA GLU B 205 3.75 18.24 14.41
C GLU B 205 4.67 19.07 15.30
N HIS B 206 4.26 19.28 16.54
CA HIS B 206 5.02 20.10 17.48
C HIS B 206 6.25 19.37 18.03
N ILE B 207 6.17 18.05 18.11
CA ILE B 207 7.30 17.24 18.56
C ILE B 207 8.50 17.41 17.64
N PHE B 208 8.26 17.23 16.34
CA PHE B 208 9.33 17.30 15.35
C PHE B 208 9.60 18.74 14.90
N GLU B 209 8.83 19.68 15.45
CA GLU B 209 9.15 21.10 15.30
C GLU B 209 10.16 21.48 16.37
N GLU B 210 10.13 20.74 17.47
CA GLU B 210 11.04 20.97 18.58
C GLU B 210 12.37 20.27 18.34
N LEU B 211 12.32 19.12 17.68
CA LEU B 211 13.52 18.37 17.35
C LEU B 211 14.36 19.10 16.30
N ASN B 212 13.68 19.63 15.29
CA ASN B 212 14.33 20.27 14.16
C ASN B 212 15.32 19.34 13.45
N GLY B 213 15.04 18.05 13.49
CA GLY B 213 15.92 17.07 12.87
C GLY B 213 15.47 15.63 13.05
N THR B 214 16.26 14.71 12.50
CA THR B 214 15.96 13.28 12.54
C THR B 214 15.86 12.75 13.97
N GLU B 215 16.82 13.13 14.81
CA GLU B 215 16.86 12.62 16.18
C GLU B 215 16.87 13.77 17.19
N GLY B 216 16.85 13.41 18.48
CA GLY B 216 16.87 14.41 19.53
C GLY B 216 16.21 13.94 20.82
N LEU B 217 16.28 14.77 21.84
CA LEU B 217 15.67 14.44 23.13
C LEU B 217 14.33 15.13 23.27
N LEU B 218 13.30 14.37 23.64
CA LEU B 218 11.96 14.92 23.80
C LEU B 218 11.67 15.25 25.26
N VAL B 219 11.80 16.52 25.61
CA VAL B 219 11.55 16.98 26.97
C VAL B 219 10.06 16.94 27.32
N ALA B 220 9.26 17.68 26.55
CA ALA B 220 7.81 17.70 26.69
C ALA B 220 7.32 18.27 28.04
N SER B 221 8.24 18.56 28.95
CA SER B 221 7.86 19.14 30.23
C SER B 221 7.19 20.49 30.03
N LYS B 222 7.62 21.20 29.00
CA LYS B 222 6.94 22.41 28.57
C LYS B 222 6.33 22.17 27.19
N ILE B 223 7.15 21.66 26.27
CA ILE B 223 6.75 21.38 24.88
C ILE B 223 5.34 20.83 24.75
N ALA B 224 4.95 19.97 25.68
CA ALA B 224 3.59 19.44 25.71
C ALA B 224 2.61 20.45 26.29
N ASP B 225 2.98 21.08 27.40
CA ASP B 225 2.06 21.96 28.11
C ASP B 225 2.38 23.45 27.96
N ARG B 226 3.35 23.76 27.09
CA ARG B 226 3.58 25.15 26.68
C ARG B 226 2.50 25.52 25.68
N VAL B 227 2.02 24.50 24.98
CA VAL B 227 0.94 24.65 24.00
C VAL B 227 -0.31 23.97 24.54
N GLY B 228 -0.12 23.10 25.53
CA GLY B 228 -1.24 22.44 26.19
C GLY B 228 -1.66 21.14 25.54
N ILE B 229 -0.72 20.23 25.38
CA ILE B 229 -1.00 18.92 24.80
C ILE B 229 -0.68 17.82 25.81
N THR B 230 -1.60 16.88 25.97
CA THR B 230 -1.48 15.82 26.97
C THR B 230 -0.21 15.00 26.79
N ARG B 231 0.41 14.63 27.91
CA ARG B 231 1.64 13.84 27.87
C ARG B 231 1.36 12.39 27.55
N SER B 232 0.11 11.97 27.75
CA SER B 232 -0.31 10.60 27.44
C SER B 232 -0.70 10.47 25.97
N VAL B 233 -1.26 11.54 25.41
CA VAL B 233 -1.67 11.53 24.01
C VAL B 233 -0.44 11.60 23.12
N ILE B 234 0.68 12.04 23.68
CA ILE B 234 1.95 12.06 22.98
C ILE B 234 2.52 10.65 22.90
N VAL B 235 2.33 9.89 23.97
CA VAL B 235 2.76 8.51 24.01
C VAL B 235 2.02 7.67 22.96
N ASN B 236 0.70 7.79 22.95
CA ASN B 236 -0.13 7.07 21.97
C ASN B 236 0.22 7.48 20.55
N ALA B 237 0.54 8.76 20.36
CA ALA B 237 0.92 9.26 19.05
C ALA B 237 2.28 8.71 18.63
N LEU B 238 3.19 8.59 19.59
CA LEU B 238 4.52 8.04 19.32
C LEU B 238 4.47 6.53 19.12
N ARG B 239 3.61 5.86 19.89
CA ARG B 239 3.48 4.42 19.78
C ARG B 239 2.91 4.02 18.42
N LYS B 240 1.99 4.83 17.91
CA LYS B 240 1.37 4.58 16.62
C LYS B 240 2.36 4.76 15.47
N LEU B 241 3.20 5.79 15.56
CA LEU B 241 4.22 6.01 14.55
C LEU B 241 5.27 4.90 14.60
N GLU B 242 5.59 4.44 15.82
CA GLU B 242 6.56 3.38 15.99
C GLU B 242 5.99 2.04 15.55
N SER B 243 4.66 1.96 15.49
CA SER B 243 3.98 0.75 15.05
C SER B 243 4.27 0.45 13.58
N ALA B 244 4.24 1.49 12.75
CA ALA B 244 4.46 1.32 11.31
C ALA B 244 5.95 1.27 10.98
N GLY B 245 6.78 1.32 12.01
CA GLY B 245 8.23 1.28 11.83
C GLY B 245 8.80 2.62 11.41
N VAL B 246 7.97 3.66 11.49
CA VAL B 246 8.40 5.00 11.10
C VAL B 246 9.49 5.52 12.02
N ILE B 247 9.31 5.34 13.33
CA ILE B 247 10.28 5.79 14.31
C ILE B 247 10.64 4.67 15.28
N GLU B 248 11.61 4.95 16.16
CA GLU B 248 11.98 4.01 17.22
C GLU B 248 12.59 4.77 18.38
N SER B 249 11.90 4.76 19.52
CA SER B 249 12.32 5.54 20.68
C SER B 249 13.04 4.70 21.71
N ARG B 250 14.05 5.30 22.35
CA ARG B 250 14.79 4.64 23.42
C ARG B 250 14.70 5.44 24.71
N SER B 251 14.72 4.74 25.84
CA SER B 251 14.38 5.35 27.13
C SER B 251 15.53 6.08 27.81
N LEU B 252 15.17 6.76 28.90
CA LEU B 252 16.09 7.52 29.75
C LEU B 252 15.23 8.12 30.88
N GLY B 253 15.88 8.60 31.93
CA GLY B 253 15.18 9.35 32.96
C GLY B 253 14.53 10.56 32.31
N MSE B 254 15.36 11.51 31.89
CA MSE B 254 14.88 12.67 31.14
C MSE B 254 15.99 13.22 30.24
O MSE B 254 17.15 12.85 30.38
CB MSE B 254 14.39 13.76 32.09
CG MSE B 254 14.17 15.11 31.41
SE MSE B 254 12.98 16.28 32.40
CE MSE B 254 13.29 17.92 31.41
N THR B 257 12.64 11.37 26.60
CA THR B 257 12.65 10.25 25.67
C THR B 257 13.44 10.61 24.42
N TYR B 258 14.24 9.67 23.94
CA TYR B 258 15.03 9.89 22.74
C TYR B 258 14.36 9.23 21.53
N ILE B 259 14.27 9.97 20.43
CA ILE B 259 13.57 9.48 19.24
C ILE B 259 14.43 9.53 17.99
N LYS B 260 14.13 8.65 17.04
CA LYS B 260 14.93 8.51 15.83
C LYS B 260 14.07 8.09 14.64
N VAL B 261 14.09 8.89 13.58
CA VAL B 261 13.26 8.63 12.40
C VAL B 261 13.90 7.59 11.49
N LEU B 262 13.19 6.48 11.27
CA LEU B 262 13.69 5.38 10.45
C LEU B 262 13.12 5.40 9.04
N ASN B 263 12.34 6.43 8.73
CA ASN B 263 11.76 6.57 7.40
C ASN B 263 12.22 7.86 6.71
N ASP B 264 12.89 7.69 5.58
CA ASP B 264 13.44 8.81 4.82
C ASP B 264 12.38 9.81 4.39
N LYS B 265 11.15 9.33 4.20
CA LYS B 265 10.09 10.14 3.61
C LYS B 265 9.08 10.62 4.65
N PHE B 266 9.28 10.24 5.91
CA PHE B 266 8.34 10.61 6.97
C PHE B 266 8.26 12.11 7.17
N LEU B 267 9.41 12.76 7.30
CA LEU B 267 9.47 14.20 7.54
C LEU B 267 8.87 14.97 6.36
N GLN B 268 9.18 14.53 5.15
CA GLN B 268 8.70 15.17 3.94
C GLN B 268 7.18 15.16 3.86
N GLU B 269 6.59 13.97 4.04
CA GLU B 269 5.15 13.80 3.98
C GLU B 269 4.45 14.56 5.10
N LEU B 270 5.16 14.75 6.22
CA LEU B 270 4.61 15.44 7.37
C LEU B 270 4.58 16.95 7.17
N ALA B 271 5.38 17.42 6.21
CA ALA B 271 5.51 18.86 5.96
C ALA B 271 4.33 19.42 5.18
N LYS B 272 3.16 18.81 5.34
CA LYS B 272 1.97 19.25 4.64
C LYS B 272 0.85 19.59 5.62
N LEU B 273 0.54 20.88 5.73
CA LEU B 273 -0.52 21.34 6.64
C LEU B 273 -1.60 22.09 5.87
N LEU C 21 -30.37 21.38 39.94
CA LEU C 21 -29.79 20.14 39.46
C LEU C 21 -29.20 20.31 38.06
N ALA C 22 -28.86 21.56 37.72
CA ALA C 22 -28.19 21.83 36.45
C ALA C 22 -26.74 21.39 36.53
N LYS C 23 -26.21 21.38 37.76
CA LYS C 23 -24.93 20.75 38.01
C LYS C 23 -25.07 19.25 37.79
N THR C 24 -26.26 18.74 38.01
CA THR C 24 -26.54 17.32 37.82
C THR C 24 -26.63 17.00 36.33
N ARG C 25 -26.69 18.04 35.50
CA ARG C 25 -26.51 17.88 34.06
C ARG C 25 -25.04 18.13 33.72
N LYS C 26 -24.39 18.92 34.56
CA LYS C 26 -22.98 19.24 34.37
C LYS C 26 -22.07 18.12 34.88
N LEU C 27 -22.57 17.25 35.77
CA LEU C 27 -21.80 16.05 36.13
C LEU C 27 -21.49 15.27 34.86
N ASN C 28 -22.55 14.73 34.25
CA ASN C 28 -22.41 13.96 33.04
C ASN C 28 -21.80 14.74 31.89
N ALA C 29 -21.85 16.06 31.97
CA ALA C 29 -21.25 16.90 30.93
C ALA C 29 -19.75 16.67 30.82
N LEU C 30 -18.99 17.22 31.77
CA LEU C 30 -17.53 17.20 31.71
C LEU C 30 -16.91 15.86 32.04
N LEU C 31 -17.71 14.88 32.45
CA LEU C 31 -17.20 13.55 32.74
C LEU C 31 -16.77 12.84 31.46
N GLN C 32 -17.49 13.10 30.37
CA GLN C 32 -17.08 12.60 29.07
C GLN C 32 -16.96 13.74 28.06
N SER C 33 -16.83 14.97 28.54
CA SER C 33 -16.55 16.11 27.67
C SER C 33 -15.05 16.31 27.53
N ALA C 34 -14.33 15.20 27.43
CA ALA C 34 -12.91 15.21 27.12
C ALA C 34 -12.57 15.15 25.62
N ALA C 35 -13.22 14.29 24.81
CA ALA C 35 -14.32 13.40 25.18
C ALA C 35 -13.94 11.94 25.47
N GLY C 36 -13.22 11.25 24.58
CA GLY C 36 -12.69 11.77 23.34
C GLY C 36 -11.39 11.07 23.00
N LYS C 37 -10.97 11.23 21.75
CA LYS C 37 -9.87 10.46 21.17
C LYS C 37 -10.13 8.94 21.38
N PRO C 38 -9.46 8.23 22.34
CA PRO C 38 -9.84 6.82 22.17
C PRO C 38 -11.09 6.45 22.97
N VAL C 39 -11.53 5.21 22.84
CA VAL C 39 -12.79 4.76 23.44
C VAL C 39 -12.55 3.87 24.66
N ASN C 40 -12.77 4.44 25.85
CA ASN C 40 -12.54 3.73 27.10
C ASN C 40 -13.81 3.70 27.95
N PHE C 41 -14.84 2.99 27.48
CA PHE C 41 -16.14 3.04 28.12
C PHE C 41 -16.23 2.11 29.34
N ARG C 42 -15.08 1.75 29.90
CA ARG C 42 -15.03 1.24 31.26
C ARG C 42 -15.08 2.45 32.17
N GLU C 43 -14.45 3.52 31.70
CA GLU C 43 -14.43 4.80 32.37
C GLU C 43 -15.77 5.52 32.18
N MSE C 44 -16.61 4.98 31.31
CA MSE C 44 -17.96 5.50 31.12
C MSE C 44 -18.93 4.88 32.11
O MSE C 44 -19.88 5.53 32.56
CB MSE C 44 -18.45 5.24 29.69
CG MSE C 44 -18.07 6.32 28.70
SE MSE C 44 -19.15 6.21 27.07
CE MSE C 44 -18.84 8.01 26.40
N SER C 45 -18.69 3.62 32.45
CA SER C 45 -19.60 2.87 33.31
C SER C 45 -19.64 3.44 34.72
N ASP C 46 -18.52 3.95 35.22
CA ASP C 46 -18.49 4.54 36.55
C ASP C 46 -19.10 5.93 36.55
N THR C 47 -19.04 6.58 35.38
CA THR C 47 -19.62 7.90 35.20
C THR C 47 -21.13 7.85 35.44
N MSE C 48 -21.78 6.79 34.98
CA MSE C 48 -23.22 6.61 35.21
C MSE C 48 -23.46 6.02 36.60
O MSE C 48 -24.42 6.38 37.28
CB MSE C 48 -23.81 5.70 34.13
CG MSE C 48 -23.36 6.04 32.72
SE MSE C 48 -23.86 4.69 31.42
CE MSE C 48 -22.44 5.04 30.13
N CYS C 49 -22.58 5.10 36.98
CA CYS C 49 -22.66 4.39 38.26
C CYS C 49 -22.51 5.31 39.46
N GLU C 50 -21.71 6.36 39.29
CA GLU C 50 -21.51 7.35 40.34
C GLU C 50 -22.72 8.28 40.46
N VAL C 51 -23.32 8.61 39.33
CA VAL C 51 -24.23 9.75 39.24
C VAL C 51 -25.71 9.35 39.18
N ILE C 52 -26.02 8.34 38.37
CA ILE C 52 -27.31 7.66 38.49
C ILE C 52 -27.30 6.91 39.82
N GLU C 53 -26.10 6.81 40.40
CA GLU C 53 -25.83 6.20 41.69
C GLU C 53 -25.97 4.70 41.59
N ALA C 54 -25.89 4.16 40.38
CA ALA C 54 -26.38 2.79 40.18
C ALA C 54 -25.29 1.75 39.98
N ASN C 55 -25.71 0.49 40.04
CA ASN C 55 -24.96 -0.59 39.45
C ASN C 55 -25.23 -0.54 37.95
N VAL C 56 -24.19 -0.28 37.17
CA VAL C 56 -24.34 -0.13 35.73
C VAL C 56 -23.77 -1.35 35.00
N PHE C 57 -24.53 -1.87 34.06
CA PHE C 57 -24.10 -3.04 33.29
C PHE C 57 -24.35 -2.85 31.80
N VAL C 58 -23.34 -2.37 31.09
CA VAL C 58 -23.44 -2.18 29.64
C VAL C 58 -23.20 -3.52 28.93
N VAL C 59 -24.27 -4.06 28.36
CA VAL C 59 -24.23 -5.41 27.81
C VAL C 59 -24.44 -5.42 26.29
N SER C 60 -23.63 -6.20 25.59
CA SER C 60 -23.78 -6.38 24.15
C SER C 60 -25.10 -7.06 23.83
N ARG C 61 -25.56 -6.90 22.60
CA ARG C 61 -26.84 -7.45 22.18
C ARG C 61 -26.87 -8.97 22.27
N ARG C 62 -25.73 -9.60 22.03
CA ARG C 62 -25.63 -11.05 22.17
C ARG C 62 -25.39 -11.46 23.62
N GLY C 63 -24.65 -10.64 24.38
CA GLY C 63 -24.52 -10.88 25.80
C GLY C 63 -23.32 -10.36 26.58
N LYS C 64 -22.23 -10.01 25.89
CA LYS C 64 -21.00 -9.60 26.57
C LYS C 64 -21.09 -8.19 27.16
N LEU C 65 -21.07 -8.19 28.48
CA LEU C 65 -20.62 -7.11 29.33
C LEU C 65 -19.68 -5.99 28.88
N LEU C 66 -19.95 -5.35 27.74
CA LEU C 66 -19.01 -4.37 27.19
C LEU C 66 -18.34 -3.48 28.25
N GLY C 67 -19.07 -3.13 29.29
CA GLY C 67 -18.49 -2.46 30.46
C GLY C 67 -19.41 -2.49 31.67
N TYR C 68 -18.86 -2.22 32.86
CA TYR C 68 -19.68 -2.17 34.08
C TYR C 68 -19.01 -1.41 35.23
N ALA C 69 -19.81 -1.04 36.22
CA ALA C 69 -19.33 -0.36 37.42
C ALA C 69 -20.35 -0.44 38.55
N ILE C 70 -19.88 -0.70 39.76
CA ILE C 70 -20.78 -0.96 40.89
C ILE C 70 -20.68 0.08 42.00
N HIS C 71 -21.76 0.83 42.20
CA HIS C 71 -21.91 1.72 43.35
C HIS C 71 -22.36 0.90 44.54
N GLN C 72 -23.38 0.08 44.32
CA GLN C 72 -23.97 -0.71 45.39
C GLN C 72 -23.61 -2.18 45.25
N GLN C 73 -22.49 -2.56 45.84
CA GLN C 73 -22.08 -3.96 45.83
C GLN C 73 -23.10 -4.80 46.60
N ILE C 74 -23.62 -5.82 45.95
CA ILE C 74 -24.59 -6.70 46.57
C ILE C 74 -23.90 -7.95 47.10
N GLU C 75 -24.32 -8.41 48.28
CA GLU C 75 -23.79 -9.64 48.84
C GLU C 75 -24.25 -10.81 48.00
N ASN C 76 -23.59 -11.00 46.86
CA ASN C 76 -23.97 -12.03 45.89
C ASN C 76 -22.75 -12.79 45.38
N MSE C 82 -22.21 -15.49 37.29
CA MSE C 82 -20.82 -15.10 37.24
C MSE C 82 -20.50 -13.89 36.34
O MSE C 82 -20.55 -13.97 35.12
CB MSE C 82 -19.94 -16.26 36.76
CG MSE C 82 -18.58 -16.30 37.44
SE MSE C 82 -18.57 -17.20 39.18
CE MSE C 82 -18.31 -19.03 38.58
N LEU C 83 -20.08 -12.80 36.98
CA LEU C 83 -19.39 -11.70 36.28
C LEU C 83 -17.88 -12.02 36.27
N ALA C 84 -17.44 -12.87 35.33
CA ALA C 84 -16.00 -13.20 35.19
C ALA C 84 -15.53 -14.12 34.02
N GLU C 85 -15.99 -13.98 32.76
CA GLU C 85 -16.88 -12.94 32.24
C GLU C 85 -17.60 -13.31 30.94
N ARG C 86 -16.95 -12.83 29.88
CA ARG C 86 -17.53 -12.17 28.71
C ARG C 86 -18.72 -12.77 27.97
N GLN C 87 -19.79 -13.04 28.70
CA GLN C 87 -21.13 -13.20 28.12
C GLN C 87 -22.18 -13.57 29.18
N PHE C 88 -23.43 -13.38 28.79
CA PHE C 88 -24.54 -13.58 29.72
C PHE C 88 -25.26 -14.90 29.53
N PRO C 89 -26.19 -15.24 30.45
CA PRO C 89 -27.04 -16.39 30.17
C PRO C 89 -27.77 -16.21 28.85
N GLU C 90 -27.77 -17.25 28.03
CA GLU C 90 -28.31 -17.20 26.68
C GLU C 90 -29.73 -16.63 26.60
N GLU C 91 -30.65 -17.22 27.36
CA GLU C 91 -32.04 -16.81 27.28
C GLU C 91 -32.39 -15.72 28.29
N TYR C 92 -31.37 -15.12 28.88
CA TYR C 92 -31.54 -13.88 29.61
C TYR C 92 -31.20 -12.73 28.66
N THR C 93 -30.30 -13.00 27.72
CA THR C 93 -29.95 -12.04 26.68
C THR C 93 -31.10 -11.88 25.71
N GLN C 94 -31.70 -13.01 25.34
CA GLN C 94 -32.81 -13.00 24.41
C GLN C 94 -34.03 -12.36 25.06
N SER C 95 -34.07 -12.37 26.39
CA SER C 95 -35.11 -11.66 27.12
C SER C 95 -34.92 -10.16 26.97
N LEU C 96 -33.68 -9.72 27.11
CA LEU C 96 -33.31 -8.30 26.99
C LEU C 96 -33.58 -7.78 25.59
N PHE C 97 -33.42 -8.65 24.60
CA PHE C 97 -33.55 -8.27 23.20
C PHE C 97 -34.95 -7.75 22.88
N ASN C 98 -35.96 -8.40 23.45
CA ASN C 98 -37.34 -7.99 23.17
C ASN C 98 -37.87 -7.07 24.27
N ILE C 99 -36.94 -6.40 24.95
CA ILE C 99 -37.27 -5.22 25.73
C ILE C 99 -37.04 -4.03 24.81
N THR C 100 -38.07 -3.66 24.06
CA THR C 100 -37.92 -2.69 22.98
C THR C 100 -38.00 -1.25 23.47
N GLU C 101 -38.49 -1.05 24.68
CA GLU C 101 -38.69 0.28 25.22
C GLU C 101 -38.10 0.43 26.61
N THR C 102 -38.02 1.67 27.09
CA THR C 102 -37.51 1.94 28.43
C THR C 102 -38.47 1.39 29.49
N SER C 103 -37.96 0.49 30.33
CA SER C 103 -38.78 -0.13 31.36
C SER C 103 -38.08 -0.08 32.72
N SER C 104 -38.45 0.92 33.52
CA SER C 104 -37.85 1.09 34.84
C SER C 104 -38.57 0.29 35.91
N ASN C 105 -37.87 0.05 37.02
CA ASN C 105 -38.43 -0.63 38.18
C ASN C 105 -39.05 -1.98 37.85
N LEU C 106 -38.24 -2.88 37.29
CA LEU C 106 -38.73 -4.20 36.89
C LEU C 106 -38.62 -5.20 38.04
N ASP C 107 -38.29 -4.69 39.23
CA ASP C 107 -38.17 -5.51 40.43
C ASP C 107 -37.23 -6.70 40.22
N VAL C 108 -37.68 -7.88 40.60
CA VAL C 108 -36.90 -9.10 40.39
C VAL C 108 -37.65 -10.08 39.49
N GLY C 126 -34.27 -4.94 45.36
CA GLY C 126 -33.58 -5.43 44.17
C GLY C 126 -34.25 -4.96 42.90
N LEU C 127 -34.13 -3.67 42.62
CA LEU C 127 -34.76 -3.07 41.45
C LEU C 127 -33.94 -3.29 40.18
N THR C 128 -34.57 -3.07 39.03
CA THR C 128 -33.91 -3.27 37.74
C THR C 128 -34.47 -2.33 36.68
N THR C 129 -33.58 -1.77 35.87
CA THR C 129 -33.98 -0.90 34.77
C THR C 129 -33.23 -1.29 33.49
N ILE C 130 -33.97 -1.54 32.42
CA ILE C 130 -33.38 -2.00 31.17
C ILE C 130 -33.64 -1.02 30.02
N VAL C 131 -32.59 -0.36 29.57
CA VAL C 131 -32.70 0.62 28.49
C VAL C 131 -31.92 0.20 27.25
N PRO C 132 -32.60 0.12 26.09
CA PRO C 132 -32.02 -0.32 24.81
C PRO C 132 -30.94 0.61 24.28
N ILE C 133 -29.97 0.03 23.57
CA ILE C 133 -28.88 0.79 22.96
C ILE C 133 -28.68 0.36 21.50
N VAL C 134 -29.29 1.11 20.58
CA VAL C 134 -29.26 0.76 19.15
C VAL C 134 -29.57 1.97 18.28
N GLY C 135 -28.89 2.06 17.13
CA GLY C 135 -29.16 3.11 16.16
C GLY C 135 -29.53 2.55 14.80
N GLY C 141 -26.60 -2.79 21.58
CA GLY C 141 -26.32 -3.11 22.97
C GLY C 141 -27.53 -2.95 23.85
N THR C 142 -27.31 -3.00 25.17
CA THR C 142 -28.39 -2.87 26.14
C THR C 142 -27.85 -2.35 27.47
N LEU C 143 -28.50 -1.31 28.00
CA LEU C 143 -28.11 -0.75 29.28
C LEU C 143 -29.00 -1.30 30.39
N VAL C 144 -28.38 -1.77 31.47
CA VAL C 144 -29.12 -2.37 32.58
C VAL C 144 -28.69 -1.78 33.92
N LEU C 145 -29.66 -1.24 34.66
CA LEU C 145 -29.41 -0.62 35.96
C LEU C 145 -30.04 -1.39 37.10
N ALA C 146 -29.53 -1.21 38.31
CA ALA C 146 -30.05 -1.90 39.48
C ALA C 146 -29.72 -1.15 40.77
N ARG C 147 -30.68 -1.11 41.69
CA ARG C 147 -30.49 -0.40 42.97
C ARG C 147 -31.44 -0.88 44.10
N LEU C 148 -30.97 -0.77 45.34
CA LEU C 148 -31.84 -0.81 46.52
C LEU C 148 -31.78 0.49 47.33
N GLY C 149 -32.24 1.59 46.77
CA GLY C 149 -32.10 2.91 47.39
C GLY C 149 -33.22 3.89 47.05
N GLN C 150 -32.90 4.95 46.30
CA GLN C 150 -33.91 5.96 45.97
C GLN C 150 -34.76 5.58 44.76
N GLU C 151 -35.13 4.30 44.68
CA GLU C 151 -35.92 3.76 43.56
C GLU C 151 -35.28 4.13 42.23
N PHE C 152 -36.14 4.47 41.26
CA PHE C 152 -35.67 5.00 39.99
C PHE C 152 -36.47 6.23 39.60
N LEU C 153 -35.92 7.39 39.96
CA LEU C 153 -36.52 8.68 39.62
C LEU C 153 -36.68 8.81 38.12
N ASP C 154 -37.56 9.70 37.69
CA ASP C 154 -37.71 9.96 36.26
C ASP C 154 -36.63 10.94 35.82
N ASP C 155 -35.94 11.52 36.80
CA ASP C 155 -34.72 12.27 36.55
C ASP C 155 -33.56 11.28 36.44
N ASP C 156 -33.67 10.17 37.17
CA ASP C 156 -32.72 9.08 37.04
C ASP C 156 -32.82 8.46 35.66
N LEU C 157 -34.03 8.46 35.10
CA LEU C 157 -34.28 7.90 33.77
C LEU C 157 -33.68 8.78 32.68
N ILE C 158 -33.80 10.10 32.84
CA ILE C 158 -33.24 11.06 31.88
C ILE C 158 -31.76 10.81 31.66
N LEU C 159 -31.02 10.70 32.75
CA LEU C 159 -29.58 10.50 32.70
C LEU C 159 -29.26 9.06 32.28
N ALA C 160 -30.18 8.14 32.53
CA ALA C 160 -30.02 6.76 32.12
C ALA C 160 -30.29 6.61 30.63
N GLU C 161 -31.27 7.37 30.14
CA GLU C 161 -31.62 7.34 28.72
C GLU C 161 -30.62 8.13 27.90
N TYR C 162 -30.19 9.28 28.42
CA TYR C 162 -29.22 10.11 27.72
C TYR C 162 -27.88 9.40 27.58
N SER C 163 -27.51 8.65 28.61
CA SER C 163 -26.27 7.87 28.57
C SER C 163 -26.40 6.72 27.59
N SER C 164 -27.59 6.13 27.53
CA SER C 164 -27.86 5.01 26.62
C SER C 164 -27.66 5.42 25.16
N THR C 165 -27.81 6.71 24.89
CA THR C 165 -27.60 7.25 23.55
C THR C 165 -26.12 7.46 23.28
N VAL C 166 -25.41 8.03 24.25
CA VAL C 166 -23.98 8.30 24.11
C VAL C 166 -23.21 6.99 24.01
N VAL C 167 -23.70 5.95 24.69
CA VAL C 167 -23.10 4.63 24.59
C VAL C 167 -23.16 4.11 23.16
N GLY C 168 -24.34 4.21 22.55
CA GLY C 168 -24.54 3.77 21.18
C GLY C 168 -23.56 4.42 20.22
N MSE C 169 -23.41 5.73 20.34
CA MSE C 169 -22.48 6.49 19.49
C MSE C 169 -21.05 5.99 19.63
O MSE C 169 -20.30 5.94 18.65
CB MSE C 169 -22.55 7.97 19.83
CG MSE C 169 -23.94 8.57 19.71
SE MSE C 169 -23.97 10.39 20.39
CE MSE C 169 -22.45 11.10 19.41
N GLU C 170 -20.68 5.60 20.85
CA GLU C 170 -19.31 5.18 21.14
C GLU C 170 -19.10 3.70 20.86
N ILE C 171 -20.19 2.94 20.78
CA ILE C 171 -20.10 1.57 20.30
C ILE C 171 -19.89 1.59 18.79
N LEU C 172 -20.68 2.43 18.12
CA LEU C 172 -20.55 2.63 16.69
C LEU C 172 -19.18 3.22 16.34
N ARG C 173 -18.69 4.11 17.20
CA ARG C 173 -17.38 4.71 16.99
C ARG C 173 -16.27 3.68 17.19
N GLU C 174 -16.40 2.89 18.24
CA GLU C 174 -15.44 1.82 18.51
C GLU C 174 -15.47 0.79 17.39
N LYS C 175 -16.68 0.42 16.97
CA LYS C 175 -16.84 -0.58 15.91
C LYS C 175 -16.31 -0.07 14.57
N ALA C 176 -16.55 1.21 14.28
CA ALA C 176 -16.10 1.79 13.03
C ALA C 176 -14.59 1.98 13.02
N GLU C 177 -14.03 2.39 14.16
CA GLU C 177 -12.60 2.61 14.26
C GLU C 177 -11.86 1.32 14.59
N GLU C 178 -12.59 0.22 14.71
CA GLU C 178 -11.99 -1.10 14.88
C GLU C 178 -11.83 -1.77 13.52
N ILE C 179 -12.89 -1.72 12.72
CA ILE C 179 -12.83 -2.16 11.33
C ILE C 179 -11.78 -1.34 10.60
N GLU C 180 -11.69 -0.07 10.98
CA GLU C 180 -10.62 0.82 10.59
C GLU C 180 -9.26 0.16 10.83
N GLU C 181 -9.05 -0.25 12.08
CA GLU C 181 -7.80 -0.88 12.50
C GLU C 181 -7.56 -2.22 11.83
N GLU C 182 -8.55 -3.11 11.92
CA GLU C 182 -8.41 -4.48 11.42
C GLU C 182 -8.06 -4.51 9.93
N ALA C 183 -8.56 -3.52 9.20
CA ALA C 183 -8.28 -3.42 7.77
C ALA C 183 -6.92 -2.76 7.53
N ARG C 184 -6.61 -1.74 8.34
CA ARG C 184 -5.31 -1.08 8.27
C ARG C 184 -4.21 -2.02 8.74
N SER C 185 -4.53 -2.87 9.70
CA SER C 185 -3.58 -3.84 10.24
C SER C 185 -3.23 -4.90 9.18
N LYS C 186 -4.13 -5.09 8.22
CA LYS C 186 -3.89 -6.01 7.12
C LYS C 186 -3.16 -5.31 5.97
N ALA C 187 -3.53 -4.04 5.75
CA ALA C 187 -2.98 -3.25 4.66
C ALA C 187 -1.46 -3.10 4.77
N VAL C 188 -0.98 -2.93 6.01
CA VAL C 188 0.45 -2.77 6.24
C VAL C 188 1.20 -4.08 5.99
N VAL C 189 0.61 -5.18 6.43
CA VAL C 189 1.18 -6.50 6.19
C VAL C 189 1.32 -6.77 4.70
N GLN C 190 0.23 -6.54 3.96
CA GLN C 190 0.23 -6.72 2.52
C GLN C 190 1.22 -5.76 1.85
N MSE C 191 1.36 -4.57 2.41
CA MSE C 191 2.32 -3.60 1.91
C MSE C 191 3.73 -4.15 1.99
O MSE C 191 4.52 -4.04 1.04
CB MSE C 191 2.24 -2.29 2.72
CG MSE C 191 3.02 -1.15 2.11
SE MSE C 191 2.13 -0.47 0.50
CE MSE C 191 0.42 -0.08 1.32
N ALA C 192 4.06 -4.76 3.12
CA ALA C 192 5.37 -5.35 3.34
C ALA C 192 5.59 -6.54 2.41
N ILE C 193 4.54 -7.30 2.17
CA ILE C 193 4.61 -8.50 1.33
C ILE C 193 4.86 -8.11 -0.13
N SER C 194 4.32 -6.98 -0.56
CA SER C 194 4.51 -6.50 -1.92
C SER C 194 5.97 -6.12 -2.18
N SER C 195 6.70 -5.86 -1.11
CA SER C 195 8.10 -5.47 -1.22
C SER C 195 9.00 -6.64 -1.58
N LEU C 196 8.56 -7.84 -1.26
CA LEU C 196 9.34 -9.05 -1.48
C LEU C 196 9.45 -9.38 -2.97
N SER C 197 10.14 -10.48 -3.27
CA SER C 197 10.09 -11.05 -4.60
C SER C 197 9.74 -12.53 -4.49
N TYR C 198 10.15 -13.31 -5.48
CA TYR C 198 9.86 -14.73 -5.52
C TYR C 198 10.57 -15.47 -4.40
N SER C 199 11.88 -15.27 -4.29
CA SER C 199 12.70 -16.05 -3.37
C SER C 199 12.39 -15.79 -1.89
N GLU C 200 12.30 -14.54 -1.46
CA GLU C 200 12.11 -14.27 -0.04
C GLU C 200 10.66 -14.41 0.41
N LEU C 201 9.72 -14.44 -0.53
CA LEU C 201 8.39 -14.83 -0.14
C LEU C 201 8.52 -16.27 0.31
N GLU C 202 9.19 -17.06 -0.52
CA GLU C 202 9.44 -18.46 -0.21
C GLU C 202 10.31 -18.60 1.03
N ALA C 203 11.21 -17.64 1.25
CA ALA C 203 12.03 -17.63 2.45
C ALA C 203 11.17 -17.35 3.67
N ILE C 204 10.38 -16.27 3.60
CA ILE C 204 9.48 -15.91 4.70
C ILE C 204 8.46 -17.02 4.97
N GLU C 205 7.97 -17.64 3.90
CA GLU C 205 7.01 -18.74 4.03
C GLU C 205 7.59 -19.88 4.87
N HIS C 206 8.84 -20.23 4.61
CA HIS C 206 9.49 -21.34 5.31
C HIS C 206 9.95 -20.97 6.72
N ILE C 207 10.29 -19.69 6.92
CA ILE C 207 10.78 -19.24 8.22
C ILE C 207 9.72 -19.40 9.31
N PHE C 208 8.57 -18.74 9.13
CA PHE C 208 7.50 -18.77 10.12
C PHE C 208 6.82 -20.13 10.15
N GLU C 209 7.01 -20.91 9.09
CA GLU C 209 6.56 -22.30 9.07
C GLU C 209 7.36 -23.11 10.08
N GLU C 210 8.64 -22.78 10.20
CA GLU C 210 9.53 -23.44 11.14
C GLU C 210 9.38 -22.88 12.55
N LEU C 211 9.16 -21.57 12.63
CA LEU C 211 8.98 -20.91 13.91
C LEU C 211 7.81 -21.49 14.69
N ASN C 212 6.78 -21.91 13.95
CA ASN C 212 5.62 -22.57 14.52
C ASN C 212 5.00 -21.77 15.67
N GLY C 213 4.80 -20.48 15.44
CA GLY C 213 4.22 -19.61 16.45
C GLY C 213 4.59 -18.15 16.25
N THR C 214 4.39 -17.36 17.30
CA THR C 214 4.66 -15.93 17.25
C THR C 214 6.16 -15.65 17.26
N GLU C 215 6.80 -15.93 18.39
CA GLU C 215 8.22 -15.66 18.56
C GLU C 215 9.06 -16.91 18.33
N GLY C 216 10.38 -16.76 18.44
CA GLY C 216 11.28 -17.89 18.28
C GLY C 216 12.67 -17.48 17.80
N LEU C 217 13.62 -18.40 17.91
CA LEU C 217 14.97 -18.17 17.45
C LEU C 217 15.21 -18.80 16.09
N LEU C 218 15.86 -18.06 15.20
CA LEU C 218 16.16 -18.56 13.86
C LEU C 218 17.64 -18.92 13.74
N VAL C 219 17.91 -20.20 13.49
CA VAL C 219 19.28 -20.70 13.50
C VAL C 219 20.05 -20.34 12.23
N ALA C 220 20.46 -19.07 12.14
CA ALA C 220 21.36 -18.57 11.09
C ALA C 220 21.06 -19.09 9.67
N SER C 221 21.93 -19.98 9.16
CA SER C 221 21.82 -20.51 7.80
C SER C 221 21.37 -21.96 7.75
N LYS C 222 20.83 -22.46 8.85
CA LYS C 222 20.32 -23.82 8.84
C LYS C 222 19.11 -23.86 7.90
N ILE C 223 18.56 -22.69 7.65
CA ILE C 223 17.39 -22.52 6.79
C ILE C 223 17.69 -22.57 5.29
N ALA C 224 18.93 -22.25 4.91
CA ALA C 224 19.32 -22.17 3.51
C ALA C 224 19.25 -23.53 2.81
N ASP C 225 19.28 -24.58 3.62
CA ASP C 225 19.21 -25.95 3.14
C ASP C 225 17.87 -26.25 2.47
N ARG C 226 16.80 -25.67 3.02
CA ARG C 226 15.45 -26.09 2.66
C ARG C 226 14.78 -25.24 1.57
N VAL C 227 15.55 -24.37 0.92
CA VAL C 227 15.00 -23.54 -0.15
C VAL C 227 16.03 -23.31 -1.27
N GLY C 228 17.30 -23.47 -0.93
CA GLY C 228 18.36 -23.40 -1.92
C GLY C 228 18.68 -22.01 -2.43
N ILE C 229 18.21 -20.99 -1.72
CA ILE C 229 18.52 -19.62 -2.08
C ILE C 229 19.58 -19.06 -1.16
N THR C 230 20.23 -17.98 -1.60
CA THR C 230 21.21 -17.31 -0.78
C THR C 230 20.56 -16.91 0.50
N ARG C 231 21.36 -16.89 1.52
CA ARG C 231 20.84 -16.76 2.83
C ARG C 231 20.81 -15.25 3.17
N SER C 232 21.55 -14.46 2.39
CA SER C 232 21.46 -13.00 2.42
C SER C 232 20.06 -12.56 2.00
N VAL C 233 19.41 -13.42 1.23
CA VAL C 233 18.02 -13.20 0.82
C VAL C 233 17.10 -13.20 2.04
N ILE C 234 17.38 -14.10 2.98
CA ILE C 234 16.59 -14.20 4.20
C ILE C 234 16.69 -12.91 5.02
N VAL C 235 17.90 -12.36 5.10
CA VAL C 235 18.13 -11.12 5.83
C VAL C 235 17.35 -9.96 5.22
N ASN C 236 17.43 -9.84 3.90
CA ASN C 236 16.70 -8.80 3.18
C ASN C 236 15.20 -8.96 3.33
N ALA C 237 14.76 -10.20 3.57
CA ALA C 237 13.35 -10.49 3.78
C ALA C 237 12.90 -10.03 5.16
N LEU C 238 13.67 -10.40 6.18
CA LEU C 238 13.36 -10.04 7.56
C LEU C 238 13.43 -8.54 7.77
N ARG C 239 14.31 -7.87 7.02
CA ARG C 239 14.50 -6.44 7.14
C ARG C 239 13.30 -5.68 6.58
N LYS C 240 12.80 -6.11 5.43
CA LYS C 240 11.66 -5.47 4.78
C LYS C 240 10.41 -5.56 5.66
N LEU C 241 10.22 -6.70 6.32
CA LEU C 241 9.06 -6.89 7.17
C LEU C 241 9.12 -6.00 8.41
N GLU C 242 10.28 -5.95 9.06
CA GLU C 242 10.43 -5.18 10.29
C GLU C 242 10.59 -3.70 10.00
N SER C 243 10.67 -3.34 8.72
CA SER C 243 10.71 -1.94 8.31
C SER C 243 9.30 -1.36 8.28
N ALA C 244 8.31 -2.24 8.40
CA ALA C 244 6.91 -1.84 8.40
C ALA C 244 6.26 -2.14 9.74
N GLY C 245 7.07 -2.55 10.71
CA GLY C 245 6.60 -2.80 12.06
C GLY C 245 5.94 -4.15 12.22
N VAL C 246 6.10 -5.02 11.22
CA VAL C 246 5.54 -6.36 11.27
C VAL C 246 6.33 -7.24 12.24
N ILE C 247 7.65 -7.05 12.26
CA ILE C 247 8.52 -7.76 13.19
C ILE C 247 9.46 -6.80 13.91
N GLU C 248 10.08 -7.28 14.98
CA GLU C 248 11.16 -6.57 15.66
C GLU C 248 12.23 -7.58 16.04
N SER C 249 13.24 -7.72 15.18
CA SER C 249 14.22 -8.78 15.33
C SER C 249 15.40 -8.38 16.22
N ARG C 250 16.34 -9.32 16.36
CA ARG C 250 17.54 -9.11 17.15
C ARG C 250 18.58 -10.18 16.82
N SER C 251 19.81 -9.75 16.55
CA SER C 251 20.90 -10.68 16.27
C SER C 251 21.63 -11.04 17.56
N LEU C 252 22.01 -12.30 17.70
CA LEU C 252 22.54 -12.80 18.96
C LEU C 252 23.88 -13.53 18.83
N GLY C 253 24.70 -13.10 17.87
CA GLY C 253 26.01 -13.70 17.68
C GLY C 253 25.95 -15.03 16.96
N MSE C 254 26.76 -15.99 17.41
CA MSE C 254 26.86 -17.27 16.72
C MSE C 254 25.64 -18.17 16.95
O MSE C 254 25.56 -19.27 16.40
CB MSE C 254 28.13 -18.01 17.15
CG MSE C 254 28.30 -18.13 18.65
SE MSE C 254 29.95 -19.06 19.12
CE MSE C 254 30.49 -17.99 20.66
N LYS C 255 24.68 -17.70 17.75
CA LYS C 255 23.45 -18.45 17.98
C LYS C 255 22.49 -18.30 16.80
N GLY C 256 22.24 -17.06 16.39
CA GLY C 256 21.41 -16.80 15.23
C GLY C 256 20.72 -15.45 15.26
N THR C 257 19.39 -15.48 15.16
CA THR C 257 18.60 -14.26 15.13
C THR C 257 17.20 -14.50 15.73
N TYR C 258 16.83 -13.68 16.69
CA TYR C 258 15.52 -13.78 17.34
C TYR C 258 14.52 -12.86 16.66
N ILE C 259 13.28 -13.33 16.52
CA ILE C 259 12.25 -12.55 15.84
C ILE C 259 10.91 -12.62 16.58
N LYS C 260 10.20 -11.49 16.59
CA LYS C 260 8.91 -11.39 17.28
C LYS C 260 7.89 -10.65 16.41
N VAL C 261 6.85 -11.38 15.99
CA VAL C 261 5.80 -10.80 15.16
C VAL C 261 5.02 -9.75 15.95
N LEU C 262 4.85 -8.58 15.35
CA LEU C 262 4.18 -7.46 16.02
C LEU C 262 2.85 -7.11 15.38
N ASN C 263 2.48 -7.83 14.33
CA ASN C 263 1.23 -7.55 13.63
C ASN C 263 0.25 -8.71 13.70
N ASP C 264 -0.96 -8.43 14.17
CA ASP C 264 -1.97 -9.46 14.41
C ASP C 264 -2.37 -10.22 13.13
N LYS C 265 -2.29 -9.54 11.99
CA LYS C 265 -2.82 -10.09 10.75
C LYS C 265 -1.75 -10.68 9.84
N PHE C 266 -0.50 -10.60 10.25
CA PHE C 266 0.60 -11.10 9.43
C PHE C 266 0.58 -12.62 9.28
N LEU C 267 0.44 -13.32 10.41
CA LEU C 267 0.44 -14.78 10.42
C LEU C 267 -0.69 -15.33 9.56
N GLN C 268 -1.83 -14.66 9.59
CA GLN C 268 -3.00 -15.10 8.83
C GLN C 268 -2.85 -14.88 7.34
N GLU C 269 -2.59 -13.64 6.95
CA GLU C 269 -2.50 -13.28 5.53
C GLU C 269 -1.38 -14.04 4.81
N LEU C 270 -0.38 -14.47 5.58
CA LEU C 270 0.73 -15.22 5.03
C LEU C 270 0.31 -16.66 4.68
N ALA C 271 -0.82 -17.08 5.23
CA ALA C 271 -1.30 -18.45 5.02
C ALA C 271 -2.06 -18.60 3.70
N LYS C 272 -1.53 -17.97 2.66
CA LYS C 272 -2.06 -18.15 1.30
C LYS C 272 -1.01 -17.78 0.26
N LEU C 273 -0.02 -18.65 0.04
CA LEU C 273 0.11 -19.93 0.73
C LEU C 273 0.81 -19.81 2.07
N MSE D 18 -44.19 17.06 36.20
CA MSE D 18 -43.83 17.44 34.84
C MSE D 18 -42.70 16.55 34.30
O MSE D 18 -41.70 16.33 34.98
CB MSE D 18 -43.41 18.91 34.80
CG MSE D 18 -42.19 19.12 33.98
SE MSE D 18 -41.68 20.86 33.42
CE MSE D 18 -40.46 20.11 32.12
N GLU D 19 -42.87 16.05 33.08
CA GLU D 19 -41.96 15.04 32.54
C GLU D 19 -41.02 15.56 31.46
N LEU D 20 -39.77 15.82 31.85
CA LEU D 20 -38.75 16.24 30.90
C LEU D 20 -38.29 15.05 30.05
N LEU D 21 -38.62 13.85 30.52
CA LEU D 21 -38.26 12.63 29.82
C LEU D 21 -38.73 12.66 28.36
N ALA D 22 -39.91 13.22 28.15
CA ALA D 22 -40.49 13.30 26.80
C ALA D 22 -39.65 14.20 25.89
N LYS D 23 -39.03 15.21 26.47
CA LYS D 23 -38.23 16.16 25.70
C LYS D 23 -36.80 15.65 25.54
N THR D 24 -36.39 14.72 26.40
CA THR D 24 -35.05 14.16 26.33
C THR D 24 -35.05 12.80 25.63
N ARG D 25 -36.23 12.18 25.52
CA ARG D 25 -36.36 10.95 24.75
C ARG D 25 -36.32 11.28 23.26
N LYS D 26 -36.92 12.41 22.91
CA LYS D 26 -36.89 12.91 21.54
C LYS D 26 -35.47 13.23 21.11
N LEU D 27 -34.84 14.16 21.81
CA LEU D 27 -33.47 14.59 21.53
C LEU D 27 -32.51 13.42 21.37
N ASN D 28 -32.66 12.43 22.24
CA ASN D 28 -31.82 11.24 22.21
C ASN D 28 -32.15 10.31 21.04
N ALA D 29 -33.43 10.28 20.66
CA ALA D 29 -33.87 9.43 19.55
C ALA D 29 -33.49 10.03 18.21
N LEU D 30 -32.81 11.17 18.23
CA LEU D 30 -32.34 11.81 17.01
C LEU D 30 -30.84 11.56 16.84
N LEU D 31 -30.15 11.40 17.97
CA LEU D 31 -28.70 11.23 17.95
C LEU D 31 -28.32 9.78 17.69
N GLN D 32 -29.18 8.85 18.09
CA GLN D 32 -28.97 7.43 17.79
C GLN D 32 -29.07 7.19 16.30
N SER D 33 -29.92 7.98 15.64
CA SER D 33 -30.08 7.91 14.19
C SER D 33 -29.01 8.73 13.50
N ALA D 34 -28.75 9.93 14.03
CA ALA D 34 -27.70 10.78 13.49
C ALA D 34 -26.37 10.46 14.15
N ALA D 35 -26.14 9.18 14.42
CA ALA D 35 -24.88 8.72 14.99
C ALA D 35 -23.83 8.59 13.90
N GLY D 36 -22.84 9.48 13.93
CA GLY D 36 -21.85 9.56 12.88
C GLY D 36 -22.43 10.33 11.71
N LYS D 37 -21.58 10.58 10.71
CA LYS D 37 -21.96 11.39 9.54
C LYS D 37 -22.54 12.74 9.98
N PRO D 38 -21.70 13.58 10.61
CA PRO D 38 -22.18 14.83 11.21
C PRO D 38 -22.52 15.89 10.16
N PHE D 41 -23.51 18.82 11.37
CA PHE D 41 -24.21 19.61 12.38
C PHE D 41 -25.39 20.34 11.75
N ARG D 42 -25.49 20.25 10.44
CA ARG D 42 -26.59 20.86 9.70
C ARG D 42 -27.93 20.29 10.12
N GLU D 43 -27.92 18.99 10.42
CA GLU D 43 -29.14 18.29 10.80
C GLU D 43 -29.23 18.14 12.32
N MSE D 44 -28.10 18.26 12.98
CA MSE D 44 -28.07 18.27 14.44
C MSE D 44 -28.60 19.60 14.97
O MSE D 44 -29.13 19.66 16.08
CB MSE D 44 -26.65 18.01 14.96
CG MSE D 44 -26.25 16.55 14.96
SE MSE D 44 -24.53 16.27 15.83
CE MSE D 44 -24.78 14.42 16.37
N SER D 45 -28.43 20.64 14.18
CA SER D 45 -28.93 21.96 14.55
C SER D 45 -30.44 22.00 14.40
N ASP D 46 -30.95 21.34 13.36
CA ASP D 46 -32.38 21.17 13.16
C ASP D 46 -32.96 20.39 14.34
N THR D 47 -32.18 19.43 14.82
CA THR D 47 -32.56 18.59 15.97
C THR D 47 -32.84 19.44 17.21
N MSE D 48 -31.92 20.33 17.53
CA MSE D 48 -32.05 21.18 18.72
C MSE D 48 -33.13 22.23 18.52
O MSE D 48 -33.92 22.51 19.41
CB MSE D 48 -30.72 21.84 19.07
CG MSE D 48 -29.56 20.87 19.12
SE MSE D 48 -27.85 21.77 19.28
CE MSE D 48 -26.76 20.40 18.41
N CYS D 49 -33.16 22.82 17.32
CA CYS D 49 -34.14 23.83 16.97
C CYS D 49 -35.57 23.34 17.17
N GLU D 50 -35.75 22.02 17.09
CA GLU D 50 -37.07 21.41 17.25
C GLU D 50 -37.38 21.11 18.72
N VAL D 51 -36.43 20.53 19.43
CA VAL D 51 -36.68 20.10 20.81
C VAL D 51 -36.42 21.21 21.83
N ILE D 52 -35.43 22.07 21.56
CA ILE D 52 -35.16 23.21 22.43
C ILE D 52 -36.17 24.32 22.12
N GLU D 53 -36.61 24.35 20.87
CA GLU D 53 -37.55 25.35 20.35
C GLU D 53 -36.94 26.75 20.36
N ALA D 54 -35.66 26.82 20.01
CA ALA D 54 -34.99 28.10 19.87
C ALA D 54 -34.08 28.08 18.66
N ASN D 55 -33.67 29.27 18.20
CA ASN D 55 -32.68 29.37 17.13
C ASN D 55 -31.37 28.72 17.58
N VAL D 56 -30.71 28.03 16.66
CA VAL D 56 -29.48 27.33 17.00
C VAL D 56 -28.32 27.83 16.15
N PHE D 57 -27.18 28.09 16.80
CA PHE D 57 -25.98 28.50 16.09
C PHE D 57 -24.75 27.77 16.64
N VAL D 58 -24.34 26.71 15.96
CA VAL D 58 -23.14 25.98 16.36
C VAL D 58 -21.89 26.66 15.80
N VAL D 59 -21.13 27.31 16.68
CA VAL D 59 -20.00 28.14 16.27
C VAL D 59 -18.67 27.42 16.47
N SER D 60 -17.78 27.53 15.49
CA SER D 60 -16.45 26.94 15.58
C SER D 60 -15.59 27.63 16.62
N ARG D 61 -14.43 27.05 16.92
CA ARG D 61 -13.48 27.65 17.85
C ARG D 61 -12.99 28.98 17.28
N ARG D 62 -12.94 29.07 15.96
CA ARG D 62 -12.62 30.34 15.31
C ARG D 62 -13.79 30.79 14.43
N GLY D 63 -14.96 30.91 15.05
CA GLY D 63 -16.06 31.62 14.44
C GLY D 63 -16.92 30.91 13.40
N LYS D 64 -16.37 29.92 12.69
CA LYS D 64 -17.08 29.32 11.57
C LYS D 64 -18.38 28.63 11.99
N LEU D 65 -19.38 28.68 11.12
CA LEU D 65 -20.65 28.00 11.36
C LEU D 65 -20.62 26.58 10.82
N LEU D 66 -20.63 25.61 11.74
CA LEU D 66 -20.63 24.20 11.37
C LEU D 66 -22.06 23.72 11.11
N GLY D 67 -23.01 24.51 11.58
CA GLY D 67 -24.42 24.17 11.45
C GLY D 67 -25.30 25.16 12.19
N TYR D 68 -26.49 25.39 11.66
CA TYR D 68 -27.47 26.24 12.34
C TYR D 68 -28.88 25.84 11.93
N ALA D 69 -29.86 26.36 12.67
CA ALA D 69 -31.26 26.13 12.36
C ALA D 69 -32.12 27.21 13.01
N ILE D 70 -33.06 27.74 12.25
CA ILE D 70 -33.84 28.88 12.72
C ILE D 70 -35.27 28.48 13.07
N HIS D 71 -35.78 29.03 14.17
CA HIS D 71 -37.12 28.69 14.64
C HIS D 71 -38.11 29.85 14.55
N GLN D 72 -37.62 31.08 14.69
CA GLN D 72 -38.52 32.24 14.60
C GLN D 72 -37.97 33.34 13.69
N GLN D 73 -36.64 33.44 13.59
CA GLN D 73 -35.99 34.22 12.54
C GLN D 73 -36.17 35.74 12.68
N ILE D 74 -35.44 36.33 13.62
CA ILE D 74 -35.42 37.79 13.77
C ILE D 74 -34.83 38.40 12.50
N GLU D 75 -35.65 39.15 11.77
CA GLU D 75 -35.19 39.69 10.50
C GLU D 75 -34.69 41.13 10.62
N ASN D 76 -34.04 41.35 11.75
CA ASN D 76 -32.85 42.19 11.81
C ASN D 76 -31.93 41.67 10.71
N GLU D 77 -31.22 42.55 10.03
CA GLU D 77 -30.18 42.08 9.12
C GLU D 77 -28.89 42.82 9.44
N ARG D 78 -28.52 42.79 10.71
CA ARG D 78 -27.15 43.06 11.12
C ARG D 78 -26.47 41.70 11.07
N MSE D 79 -27.29 40.66 10.99
CA MSE D 79 -26.80 39.30 10.82
C MSE D 79 -27.78 38.47 10.02
O MSE D 79 -28.78 38.02 10.57
CB MSE D 79 -26.57 38.65 12.17
CG MSE D 79 -26.08 37.21 12.04
SE MSE D 79 -25.67 36.34 13.72
CE MSE D 79 -27.50 36.06 14.36
N LYS D 80 -27.49 38.32 8.72
CA LYS D 80 -28.13 37.48 7.66
C LYS D 80 -28.32 38.29 6.38
N LEU D 83 -25.13 34.78 7.44
CA LEU D 83 -24.71 33.44 7.86
C LEU D 83 -24.12 32.65 6.70
N ALA D 84 -24.43 33.08 5.48
CA ALA D 84 -23.80 32.50 4.30
C ALA D 84 -22.33 32.91 4.29
N GLU D 85 -22.00 33.87 5.13
CA GLU D 85 -20.62 34.17 5.46
C GLU D 85 -19.97 32.93 6.04
N ARG D 86 -20.77 32.11 6.72
CA ARG D 86 -20.30 30.91 7.42
C ARG D 86 -19.20 31.27 8.39
N GLN D 87 -19.20 32.54 8.79
CA GLN D 87 -18.13 33.11 9.58
C GLN D 87 -18.64 34.42 10.15
N PHE D 88 -18.46 34.59 11.44
CA PHE D 88 -19.03 35.73 12.12
C PHE D 88 -18.06 36.94 12.01
N PRO D 89 -18.53 38.17 12.31
CA PRO D 89 -17.76 39.41 12.04
C PRO D 89 -16.57 39.56 12.97
N GLU D 90 -15.66 38.61 12.92
CA GLU D 90 -14.90 38.41 14.14
C GLU D 90 -13.55 39.12 14.17
N GLU D 91 -13.28 39.70 15.33
CA GLU D 91 -13.71 39.01 16.54
C GLU D 91 -15.04 39.31 17.24
N TYR D 92 -15.77 38.23 17.60
CA TYR D 92 -17.13 38.26 18.22
C TYR D 92 -17.20 39.02 19.53
N GLN D 94 -13.69 38.57 21.94
CA GLN D 94 -13.62 37.18 22.38
C GLN D 94 -13.99 37.00 23.91
N SER D 95 -15.22 36.49 24.11
CA SER D 95 -15.81 36.16 25.43
C SER D 95 -16.22 34.69 25.56
N LEU D 96 -16.40 34.00 24.44
CA LEU D 96 -16.58 32.54 24.48
C LEU D 96 -15.21 32.01 24.91
N PHE D 97 -14.18 32.83 24.65
CA PHE D 97 -12.96 32.95 25.46
C PHE D 97 -13.25 32.72 26.92
N ASN D 98 -13.95 33.75 27.36
CA ASN D 98 -14.14 34.22 28.70
C ASN D 98 -15.35 33.55 29.36
N ILE D 99 -16.36 33.27 28.55
CA ILE D 99 -17.50 32.49 29.00
C ILE D 99 -17.09 31.02 28.97
N THR D 100 -16.56 30.55 30.09
CA THR D 100 -16.08 29.18 30.19
C THR D 100 -17.18 28.26 30.69
N GLU D 101 -18.21 28.87 31.28
CA GLU D 101 -19.34 28.12 31.81
C GLU D 101 -20.61 28.48 31.03
N THR D 102 -21.66 27.68 31.23
CA THR D 102 -22.94 27.97 30.58
C THR D 102 -23.52 29.27 31.11
N SER D 103 -23.72 30.23 30.21
CA SER D 103 -24.27 31.54 30.60
C SER D 103 -25.66 31.72 30.01
N SER D 104 -26.67 31.67 30.86
CA SER D 104 -28.06 31.66 30.40
C SER D 104 -28.68 33.04 30.38
N ASN D 105 -29.45 33.31 29.33
CA ASN D 105 -30.29 34.49 29.22
C ASN D 105 -29.53 35.81 29.31
N LEU D 106 -28.76 36.10 28.28
CA LEU D 106 -27.98 37.31 28.21
C LEU D 106 -28.77 38.40 27.49
N ASP D 107 -28.06 39.32 26.85
CA ASP D 107 -28.67 40.47 26.18
C ASP D 107 -29.49 41.27 27.18
N GLY D 124 -37.53 44.38 25.77
CA GLY D 124 -37.93 43.21 25.00
C GLY D 124 -37.20 41.95 25.44
N GLN D 125 -37.74 40.80 25.06
CA GLN D 125 -37.15 39.52 25.45
C GLN D 125 -36.39 38.85 24.32
N GLY D 126 -35.58 39.63 23.60
CA GLY D 126 -34.67 39.08 22.61
C GLY D 126 -33.46 38.51 23.34
N LEU D 127 -33.56 37.25 23.75
CA LEU D 127 -32.57 36.70 24.68
C LEU D 127 -31.62 35.69 24.06
N THR D 128 -30.63 35.29 24.84
CA THR D 128 -29.52 34.48 24.34
C THR D 128 -28.95 33.55 25.41
N THR D 129 -28.74 32.29 25.04
CA THR D 129 -28.03 31.33 25.90
C THR D 129 -26.76 30.85 25.21
N ILE D 130 -25.64 30.91 25.92
CA ILE D 130 -24.35 30.56 25.34
C ILE D 130 -23.67 29.43 26.13
N VAL D 131 -23.70 28.24 25.55
CA VAL D 131 -23.07 27.06 26.18
C VAL D 131 -21.79 26.68 25.45
N PRO D 132 -20.67 26.63 26.19
CA PRO D 132 -19.36 26.31 25.61
C PRO D 132 -19.23 24.86 25.15
N ILE D 133 -18.46 24.64 24.09
CA ILE D 133 -18.16 23.31 23.61
C ILE D 133 -16.64 23.16 23.51
N VAL D 134 -15.97 24.31 23.50
CA VAL D 134 -14.52 24.38 23.36
C VAL D 134 -13.78 23.68 24.50
N GLY D 135 -12.80 22.86 24.15
CA GLY D 135 -12.00 22.18 25.14
C GLY D 135 -11.33 20.91 24.64
N GLY D 136 -10.85 20.09 25.57
CA GLY D 136 -10.19 18.85 25.22
C GLY D 136 -9.69 18.11 26.45
N GLY D 141 -15.51 24.33 20.03
CA GLY D 141 -16.47 25.27 19.47
C GLY D 141 -17.38 25.86 20.53
N THR D 142 -18.54 26.36 20.10
CA THR D 142 -19.48 26.94 21.04
C THR D 142 -20.92 26.89 20.54
N LEU D 143 -21.82 26.48 21.43
CA LEU D 143 -23.24 26.41 21.13
C LEU D 143 -23.95 27.70 21.58
N VAL D 144 -24.65 28.33 20.65
CA VAL D 144 -25.36 29.57 20.95
C VAL D 144 -26.85 29.44 20.67
N LEU D 145 -27.66 29.79 21.66
CA LEU D 145 -29.11 29.72 21.54
C LEU D 145 -29.71 31.13 21.59
N ALA D 146 -30.69 31.40 20.74
CA ALA D 146 -31.35 32.70 20.67
C ALA D 146 -32.87 32.54 20.60
N ARG D 147 -33.60 33.41 21.31
CA ARG D 147 -35.05 33.25 21.42
C ARG D 147 -35.80 34.49 21.92
N LEU D 148 -37.00 34.69 21.36
CA LEU D 148 -37.94 35.73 21.79
C LEU D 148 -39.15 35.10 22.44
N GLY D 149 -39.25 35.25 23.76
CA GLY D 149 -40.32 34.67 24.54
C GLY D 149 -39.85 34.26 25.91
N GLN D 150 -39.69 32.93 26.12
CA GLN D 150 -39.05 32.40 27.33
C GLN D 150 -37.55 32.50 27.22
N GLU D 151 -36.99 32.22 28.38
CA GLU D 151 -35.64 32.51 28.72
C GLU D 151 -35.12 31.23 29.32
N PHE D 152 -35.47 30.14 28.64
CA PHE D 152 -34.91 28.81 28.87
C PHE D 152 -35.31 28.19 30.22
N LEU D 153 -35.71 29.02 31.18
CA LEU D 153 -36.17 28.58 32.50
C LEU D 153 -35.10 27.82 33.27
N ASP D 154 -35.52 26.79 34.00
CA ASP D 154 -34.63 25.72 34.42
C ASP D 154 -35.21 24.39 33.91
N ASP D 155 -35.30 24.28 32.58
CA ASP D 155 -35.96 23.15 31.92
C ASP D 155 -35.33 22.42 30.67
N ASP D 156 -34.06 22.60 30.29
CA ASP D 156 -33.23 23.78 30.42
C ASP D 156 -32.14 23.79 29.40
N LEU D 157 -31.06 24.45 29.79
CA LEU D 157 -29.75 24.30 29.21
C LEU D 157 -29.32 22.85 29.38
N ILE D 158 -29.98 22.11 30.28
CA ILE D 158 -29.69 20.69 30.43
C ILE D 158 -30.10 19.92 29.17
N LEU D 159 -30.92 20.54 28.33
CA LEU D 159 -31.17 20.03 26.99
C LEU D 159 -30.12 20.59 26.04
N ALA D 160 -29.61 21.77 26.38
CA ALA D 160 -28.56 22.41 25.60
C ALA D 160 -27.19 21.87 26.00
N GLU D 161 -26.96 21.71 27.30
CA GLU D 161 -25.72 21.12 27.80
C GLU D 161 -25.57 19.69 27.33
N TYR D 162 -26.67 18.95 27.36
CA TYR D 162 -26.70 17.59 26.82
C TYR D 162 -26.25 17.59 25.37
N SER D 163 -26.88 18.45 24.57
CA SER D 163 -26.55 18.56 23.15
C SER D 163 -25.13 19.08 22.95
N SER D 164 -24.76 20.09 23.74
CA SER D 164 -23.45 20.72 23.64
C SER D 164 -22.31 19.72 23.84
N THR D 165 -22.56 18.68 24.61
CA THR D 165 -21.58 17.63 24.83
C THR D 165 -21.49 16.73 23.60
N VAL D 166 -22.64 16.37 23.04
CA VAL D 166 -22.70 15.51 21.87
C VAL D 166 -22.07 16.21 20.66
N VAL D 167 -22.25 17.54 20.57
CA VAL D 167 -21.63 18.33 19.52
C VAL D 167 -20.12 18.16 19.54
N GLY D 168 -19.53 18.35 20.72
CA GLY D 168 -18.09 18.26 20.90
C GLY D 168 -17.52 16.92 20.45
N MSE D 169 -18.24 15.86 20.75
CA MSE D 169 -17.81 14.52 20.38
C MSE D 169 -17.83 14.31 18.87
O MSE D 169 -17.08 13.49 18.33
CB MSE D 169 -18.70 13.46 21.06
CG MSE D 169 -18.70 13.55 22.57
SE MSE D 169 -20.08 12.44 23.36
CE MSE D 169 -19.81 10.83 22.28
N GLU D 170 -18.68 15.07 18.18
CA GLU D 170 -18.82 14.94 16.74
C GLU D 170 -17.87 15.87 16.00
N ILE D 171 -17.46 16.95 16.66
CA ILE D 171 -16.40 17.80 16.12
C ILE D 171 -15.08 17.05 16.22
N LEU D 172 -14.93 16.28 17.30
CA LEU D 172 -13.78 15.43 17.48
C LEU D 172 -13.82 14.25 16.51
N ARG D 173 -15.04 13.88 16.10
CA ARG D 173 -15.22 12.84 15.09
C ARG D 173 -14.83 13.37 13.72
N GLU D 174 -15.16 14.64 13.48
CA GLU D 174 -14.87 15.31 12.22
C GLU D 174 -13.40 15.23 11.84
N LYS D 175 -12.54 15.61 12.78
CA LYS D 175 -11.10 15.65 12.53
C LYS D 175 -10.51 14.26 12.34
N ALA D 176 -10.89 13.33 13.21
CA ALA D 176 -10.36 11.97 13.16
C ALA D 176 -10.75 11.25 11.86
N GLU D 177 -11.97 11.51 11.40
CA GLU D 177 -12.47 10.90 10.17
C GLU D 177 -12.10 11.74 8.95
N GLU D 178 -11.33 12.80 9.17
CA GLU D 178 -10.82 13.62 8.09
C GLU D 178 -9.36 13.30 7.83
N ILE D 179 -8.57 13.31 8.90
CA ILE D 179 -7.16 12.92 8.83
C ILE D 179 -7.05 11.48 8.34
N GLU D 180 -8.04 10.68 8.68
CA GLU D 180 -8.12 9.29 8.23
C GLU D 180 -8.21 9.22 6.71
N GLU D 181 -9.01 10.08 6.11
CA GLU D 181 -9.27 10.06 4.68
C GLU D 181 -8.23 10.86 3.89
N GLU D 182 -7.83 12.00 4.45
CA GLU D 182 -6.86 12.88 3.79
C GLU D 182 -5.49 12.21 3.64
N ALA D 183 -5.19 11.28 4.54
CA ALA D 183 -3.92 10.58 4.50
C ALA D 183 -4.02 9.29 3.70
N ARG D 184 -5.13 8.59 3.85
CA ARG D 184 -5.35 7.32 3.15
C ARG D 184 -5.42 7.54 1.64
N SER D 185 -5.99 8.65 1.22
CA SER D 185 -6.03 9.00 -0.19
C SER D 185 -4.62 9.18 -0.73
N LYS D 186 -3.77 9.83 0.06
CA LYS D 186 -2.37 10.01 -0.30
C LYS D 186 -1.66 8.67 -0.37
N ALA D 187 -2.14 7.70 0.39
CA ALA D 187 -1.56 6.37 0.40
C ALA D 187 -1.93 5.60 -0.86
N VAL D 188 -3.21 5.67 -1.25
CA VAL D 188 -3.69 5.00 -2.45
C VAL D 188 -2.96 5.51 -3.69
N VAL D 189 -2.78 6.83 -3.76
CA VAL D 189 -2.05 7.45 -4.85
C VAL D 189 -0.63 6.90 -4.93
N GLN D 190 0.07 6.92 -3.80
CA GLN D 190 1.45 6.45 -3.75
C GLN D 190 1.54 4.94 -4.02
N MSE D 191 0.48 4.21 -3.69
CA MSE D 191 0.41 2.79 -4.04
C MSE D 191 0.34 2.64 -5.55
O MSE D 191 1.02 1.78 -6.13
CB MSE D 191 -0.82 2.13 -3.41
CG MSE D 191 -0.68 1.83 -1.93
SE MSE D 191 -1.69 0.24 -1.46
CE MSE D 191 -0.44 -1.10 -2.13
N ALA D 192 -0.47 3.47 -6.19
CA ALA D 192 -0.64 3.44 -7.63
C ALA D 192 0.66 3.79 -8.35
N ILE D 193 1.39 4.76 -7.80
CA ILE D 193 2.64 5.21 -8.41
C ILE D 193 3.73 4.16 -8.26
N SER D 194 3.68 3.39 -7.18
CA SER D 194 4.67 2.35 -6.94
C SER D 194 4.55 1.21 -7.94
N SER D 195 3.41 1.13 -8.62
CA SER D 195 3.15 0.08 -9.60
C SER D 195 3.75 0.42 -10.96
N LEU D 196 4.19 1.66 -11.12
CA LEU D 196 4.68 2.14 -12.41
C LEU D 196 6.14 1.79 -12.66
N SER D 197 6.50 1.71 -13.93
CA SER D 197 7.90 1.57 -14.32
C SER D 197 8.48 2.97 -14.52
N TYR D 198 9.73 3.06 -14.97
CA TYR D 198 10.32 4.36 -15.20
C TYR D 198 9.69 5.03 -16.41
N SER D 199 9.48 4.26 -17.47
CA SER D 199 8.88 4.78 -18.68
C SER D 199 7.38 5.05 -18.48
N GLU D 200 6.73 4.14 -17.76
CA GLU D 200 5.30 4.30 -17.45
C GLU D 200 5.05 5.55 -16.62
N LEU D 201 6.05 5.93 -15.83
CA LEU D 201 5.95 7.14 -15.02
C LEU D 201 6.20 8.38 -15.86
N GLU D 202 7.24 8.33 -16.70
CA GLU D 202 7.56 9.42 -17.61
C GLU D 202 6.35 9.80 -18.47
N ALA D 203 5.56 8.79 -18.84
CA ALA D 203 4.33 8.99 -19.59
C ALA D 203 3.32 9.78 -18.76
N ILE D 204 3.08 9.33 -17.55
CA ILE D 204 2.11 9.97 -16.65
C ILE D 204 2.50 11.43 -16.36
N GLU D 205 3.79 11.67 -16.18
CA GLU D 205 4.30 13.02 -15.94
C GLU D 205 3.99 13.95 -17.11
N HIS D 206 3.96 13.38 -18.31
CA HIS D 206 3.67 14.16 -19.52
C HIS D 206 2.17 14.26 -19.79
N ILE D 207 1.45 13.17 -19.54
CA ILE D 207 0.01 13.12 -19.76
C ILE D 207 -0.72 14.24 -19.03
N PHE D 208 -0.44 14.38 -17.74
CA PHE D 208 -1.11 15.37 -16.91
C PHE D 208 -0.37 16.70 -16.91
N GLU D 209 0.64 16.81 -17.77
CA GLU D 209 1.30 18.09 -18.02
C GLU D 209 0.68 18.69 -19.28
N GLU D 210 -0.04 17.85 -20.01
CA GLU D 210 -0.75 18.26 -21.23
C GLU D 210 -2.18 18.67 -20.92
N LEU D 211 -2.82 17.90 -20.03
CA LEU D 211 -4.21 18.15 -19.66
C LEU D 211 -4.43 19.53 -19.08
N ASN D 212 -3.42 20.05 -18.39
CA ASN D 212 -3.45 21.39 -17.81
C ASN D 212 -4.61 21.56 -16.83
N GLY D 213 -4.99 20.48 -16.17
CA GLY D 213 -6.08 20.53 -15.20
C GLY D 213 -6.61 19.17 -14.78
N THR D 214 -7.89 19.11 -14.45
CA THR D 214 -8.52 17.90 -13.94
C THR D 214 -8.88 16.93 -15.06
N GLU D 215 -9.64 17.41 -16.04
CA GLU D 215 -10.15 16.56 -17.11
C GLU D 215 -9.57 16.95 -18.46
N GLY D 216 -10.18 16.45 -19.53
CA GLY D 216 -9.75 16.77 -20.88
C GLY D 216 -9.59 15.54 -21.75
N LEU D 217 -9.44 15.77 -23.05
CA LEU D 217 -9.22 14.69 -24.01
C LEU D 217 -7.74 14.42 -24.17
N LEU D 218 -7.38 13.14 -24.24
CA LEU D 218 -5.97 12.76 -24.41
C LEU D 218 -5.74 12.03 -25.72
N VAL D 219 -4.83 12.58 -26.53
CA VAL D 219 -4.40 11.90 -27.75
C VAL D 219 -3.15 11.09 -27.46
N ALA D 220 -3.33 9.79 -27.19
CA ALA D 220 -2.21 8.91 -26.87
C ALA D 220 -1.24 8.77 -28.04
N SER D 221 -1.66 9.25 -29.19
CA SER D 221 -0.87 9.23 -30.41
C SER D 221 0.49 9.91 -30.28
N LYS D 222 0.46 11.18 -29.88
CA LYS D 222 1.64 12.05 -29.99
C LYS D 222 2.64 11.91 -28.83
N ILE D 223 2.15 11.72 -27.61
CA ILE D 223 3.03 11.58 -26.45
C ILE D 223 4.06 10.48 -26.67
N ALA D 224 3.67 9.46 -27.43
CA ALA D 224 4.57 8.38 -27.80
C ALA D 224 5.69 8.87 -28.72
N ASP D 225 5.44 9.97 -29.43
CA ASP D 225 6.40 10.50 -30.39
C ASP D 225 7.28 11.59 -29.80
N ARG D 226 6.87 12.15 -28.67
CA ARG D 226 7.60 13.26 -28.05
C ARG D 226 8.79 12.76 -27.22
N VAL D 227 8.76 11.50 -26.82
CA VAL D 227 9.83 10.93 -26.02
C VAL D 227 10.34 9.64 -26.67
N GLY D 228 9.51 9.02 -27.49
CA GLY D 228 9.90 7.80 -28.19
C GLY D 228 9.63 6.55 -27.38
N ILE D 229 8.54 6.57 -26.60
CA ILE D 229 8.14 5.39 -25.84
C ILE D 229 6.83 4.84 -26.40
N THR D 230 6.61 3.55 -26.22
CA THR D 230 5.46 2.86 -26.84
C THR D 230 4.12 3.39 -26.32
N ARG D 231 3.11 3.37 -27.18
CA ARG D 231 1.77 3.79 -26.80
C ARG D 231 1.16 2.81 -25.80
N SER D 232 1.55 1.55 -25.89
CA SER D 232 1.08 0.52 -24.97
C SER D 232 1.54 0.81 -23.55
N VAL D 233 2.69 1.46 -23.44
CA VAL D 233 3.19 1.91 -22.14
C VAL D 233 2.24 2.95 -21.55
N ILE D 234 1.79 3.87 -22.40
CA ILE D 234 0.84 4.89 -21.99
C ILE D 234 -0.49 4.25 -21.58
N VAL D 235 -0.89 3.21 -22.30
CA VAL D 235 -2.10 2.47 -21.98
C VAL D 235 -1.93 1.74 -20.65
N ASN D 236 -0.78 1.10 -20.47
CA ASN D 236 -0.49 0.34 -19.26
C ASN D 236 -0.41 1.24 -18.03
N ALA D 237 0.15 2.44 -18.22
CA ALA D 237 0.29 3.40 -17.13
C ALA D 237 -1.06 3.92 -16.67
N LEU D 238 -1.94 4.19 -17.62
CA LEU D 238 -3.27 4.71 -17.32
C LEU D 238 -4.14 3.67 -16.60
N ARG D 239 -3.93 2.40 -16.94
CA ARG D 239 -4.69 1.32 -16.32
C ARG D 239 -4.35 1.19 -14.83
N LYS D 240 -3.06 1.27 -14.53
CA LYS D 240 -2.59 1.12 -13.15
C LYS D 240 -3.14 2.21 -12.24
N LEU D 241 -3.29 3.41 -12.78
CA LEU D 241 -3.89 4.50 -12.03
C LEU D 241 -5.40 4.27 -11.87
N GLU D 242 -6.04 3.84 -12.96
CA GLU D 242 -7.47 3.62 -12.96
C GLU D 242 -7.85 2.40 -12.12
N SER D 243 -6.89 1.50 -11.93
CA SER D 243 -7.11 0.31 -11.10
C SER D 243 -7.37 0.70 -9.66
N ALA D 244 -6.61 1.66 -9.16
CA ALA D 244 -6.72 2.10 -7.77
C ALA D 244 -7.76 3.21 -7.61
N GLY D 245 -8.52 3.47 -8.67
CA GLY D 245 -9.57 4.47 -8.62
C GLY D 245 -9.06 5.90 -8.59
N VAL D 246 -7.79 6.08 -8.94
CA VAL D 246 -7.21 7.40 -9.00
C VAL D 246 -7.84 8.21 -10.13
N ILE D 247 -8.03 7.57 -11.28
CA ILE D 247 -8.62 8.21 -12.43
C ILE D 247 -9.67 7.33 -13.11
N GLU D 248 -10.39 7.90 -14.07
CA GLU D 248 -11.24 7.13 -14.97
C GLU D 248 -10.82 7.45 -16.40
N SER D 249 -10.85 6.46 -17.27
CA SER D 249 -10.31 6.63 -18.62
C SER D 249 -11.06 5.84 -19.67
N ARG D 250 -12.08 6.44 -20.27
CA ARG D 250 -12.84 5.77 -21.33
C ARG D 250 -12.75 6.55 -22.65
N SER D 251 -12.82 5.81 -23.75
CA SER D 251 -12.46 6.33 -25.07
C SER D 251 -13.46 7.29 -25.70
N LEU D 252 -12.99 7.94 -26.77
CA LEU D 252 -13.84 8.74 -27.66
C LEU D 252 -13.54 8.38 -29.11
N GLY D 253 -13.27 7.10 -29.34
CA GLY D 253 -12.91 6.63 -30.67
C GLY D 253 -11.47 6.97 -31.01
N MSE D 254 -11.23 7.38 -32.24
CA MSE D 254 -9.90 7.80 -32.66
C MSE D 254 -9.65 9.26 -32.30
O MSE D 254 -8.53 9.75 -32.43
CB MSE D 254 -9.71 7.59 -34.17
CG MSE D 254 -9.76 6.13 -34.59
SE MSE D 254 -9.21 5.85 -36.44
CE MSE D 254 -7.56 6.91 -36.43
N LYS D 255 -10.70 9.94 -31.87
CA LYS D 255 -10.59 11.31 -31.40
C LYS D 255 -9.66 11.37 -30.18
N GLY D 256 -9.67 10.30 -29.39
CA GLY D 256 -8.79 10.19 -28.24
C GLY D 256 -9.47 9.54 -27.06
N THR D 257 -8.81 9.60 -25.91
CA THR D 257 -9.36 9.05 -24.68
C THR D 257 -9.58 10.15 -23.65
N TYR D 258 -10.78 10.20 -23.09
CA TYR D 258 -11.13 11.20 -22.10
C TYR D 258 -10.80 10.71 -20.69
N ILE D 259 -10.06 11.50 -19.94
CA ILE D 259 -9.61 11.09 -18.62
C ILE D 259 -10.00 12.10 -17.53
N LYS D 260 -10.53 11.58 -16.43
CA LYS D 260 -11.00 12.41 -15.33
C LYS D 260 -10.42 11.92 -14.00
N VAL D 261 -9.70 12.82 -13.32
CA VAL D 261 -9.05 12.48 -12.06
C VAL D 261 -10.06 12.35 -10.93
N LEU D 262 -10.08 11.19 -10.28
CA LEU D 262 -11.04 10.93 -9.22
C LEU D 262 -10.44 11.06 -7.82
N ASN D 263 -9.18 11.49 -7.77
CA ASN D 263 -8.49 11.65 -6.49
C ASN D 263 -8.01 13.08 -6.28
N ASP D 264 -8.30 13.63 -5.10
CA ASP D 264 -7.96 15.01 -4.80
C ASP D 264 -6.48 15.21 -4.52
N LYS D 265 -5.75 14.10 -4.36
CA LYS D 265 -4.36 14.17 -3.93
C LYS D 265 -3.38 13.64 -4.98
N PHE D 266 -3.88 13.31 -6.16
CA PHE D 266 -3.03 12.70 -7.18
C PHE D 266 -1.98 13.66 -7.73
N LEU D 267 -2.41 14.66 -8.48
CA LEU D 267 -1.50 15.58 -9.15
C LEU D 267 -0.62 16.34 -8.16
N GLN D 268 -1.08 16.44 -6.91
CA GLN D 268 -0.30 17.05 -5.85
C GLN D 268 0.94 16.21 -5.58
N GLU D 269 0.72 14.95 -5.21
CA GLU D 269 1.82 14.01 -4.96
C GLU D 269 2.64 13.77 -6.22
N LEU D 270 2.02 13.97 -7.37
CA LEU D 270 2.70 13.81 -8.66
C LEU D 270 3.70 14.93 -8.88
N ALA D 271 3.48 16.06 -8.23
CA ALA D 271 4.36 17.21 -8.38
C ALA D 271 5.56 17.13 -7.44
N LYS D 272 6.12 15.93 -7.30
CA LYS D 272 7.30 15.73 -6.47
C LYS D 272 8.33 14.88 -7.21
N LEU D 273 9.55 15.39 -7.29
CA LEU D 273 10.61 14.76 -8.08
C LEU D 273 11.44 13.81 -7.24
#